data_7NJV
#
_entry.id   7NJV
#
_cell.length_a   1.00
_cell.length_b   1.00
_cell.length_c   1.00
_cell.angle_alpha   90.00
_cell.angle_beta   90.00
_cell.angle_gamma   90.00
#
_symmetry.space_group_name_H-M   'P 1'
#
loop_
_entity.id
_entity.type
_entity.pdbx_description
1 polymer 'ATP synthase subunit c'
2 polymer 'ATP synthase subunit a'
3 polymer 'ATP synthase subunit b'
4 polymer 'ATP synthase subunit b-delta'
5 non-polymer Bedaquiline
#
loop_
_entity_poly.entity_id
_entity_poly.type
_entity_poly.pdbx_seq_one_letter_code
_entity_poly.pdbx_strand_id
1 'polypeptide(L)'
;MDLDPNAIITAGALIGGGLIMGGGAIGAGIGDGIAGNALISGIARQPEAQGRLFTPFFITVGLVEAAYFINLAFMALFVF
ATPGLQ
;
L,M,N,O,P,Q,R,S,T
2 'polypeptide(L)'
;MLAAEEGGAAIHVGHHTLVFELFGMTFNGDTILATAVTAVIVIALAFYLRAKVTSTGVPSGVQLFWEALTIQMRQQIEGS
IGMKIAPFVLPLSVTIFVFILISNWLAVLPLQYGGADGAAAELYKAPASDINFVLALALFVFVCYHAAGIWRRGIVGHPI
KVVKGHVAFLAPINIVEELAKPISLALRLFGNIFAGGILVALIAMFPWYIQWFPNAVWKTFDLFVGLIQAFIFSLLTILY
FSQSMELDHEDH
;
a
3 'polypeptide(L)'
;MGEFSATILAASQAAEEGGGGSNFLIPNGTFFAVLIIFLIVLGVISKWVVPPISKVLAEREAMLAKTAADNRKSAEQVAA
AQADYEKEMAEARAQASALRDEARAAGRSVVDEKRAQASGEVAQTLTQADQQLSAQGDQVRSGLESSVDGLSAKLASRIL
GVDVNSGGTQHHHHHHHHHH
;
b
4 'polypeptide(L)'
;MSIFIGQLIGFAVIAFIIVKWVVPPVRTLMRNQQEAVRAALAESAEAAKKLADADAMHAKALADAKAESEKVTEEAKQDS
ERIAAQLSEQAGSEAERIKAQGAQQIQLMRQQLIRQLRTGLGAEAVNKAAEIVRAHVADPQAQSATVDRFLSELEQMAPS
SVVIDTAATSRLRAASRQSLAALVEKFDSVAGGLDADGLTNLADELASVAKLLLSETALNKHLAEPTDDSAPKVRLLERL
LSDKVSATTLDLLRTAVSNRWSTESNLIDAVEHTARLALLKRAEIAGEVDEVEEQLFRFGRVLDAEPRLSALLSDYTTPA
EGRVALLDKALTGRPGVNQTAAALLSQTVGLLRGERADEAVIDLAELAVSRRGEVVAHVSAAAELSDAQRTRLTEVLSRI
YGRPVSVQLHVDPELLGGLSITVGDEVIDGSIASRLAAAQTGLPD
;
d
#
loop_
_chem_comp.id
_chem_comp.type
_chem_comp.name
_chem_comp.formula
BQ1 non-polymer Bedaquiline 'C32 H31 Br N2 O2'
#
# COMPACT_ATOMS: atom_id res chain seq x y z
N LEU A 3 -0.96 31.25 -23.58
CA LEU A 3 -0.08 31.18 -22.42
C LEU A 3 1.08 30.22 -22.67
N ASP A 4 1.86 29.96 -21.63
CA ASP A 4 3.02 29.09 -21.76
C ASP A 4 2.58 27.63 -21.77
N PRO A 5 2.86 26.86 -22.83
CA PRO A 5 2.49 25.44 -22.80
C PRO A 5 3.13 24.68 -21.66
N ASN A 6 4.38 25.03 -21.31
CA ASN A 6 5.06 24.35 -20.23
C ASN A 6 4.30 24.50 -18.91
N ALA A 7 3.60 25.61 -18.73
CA ALA A 7 2.82 25.79 -17.50
C ALA A 7 1.72 24.75 -17.40
N ILE A 8 0.97 24.54 -18.49
CA ILE A 8 -0.09 23.54 -18.47
C ILE A 8 0.50 22.15 -18.29
N ILE A 9 1.61 21.87 -18.99
CA ILE A 9 2.23 20.55 -18.88
C ILE A 9 2.68 20.30 -17.44
N THR A 10 3.25 21.32 -16.80
CA THR A 10 3.72 21.17 -15.43
C THR A 10 2.56 21.01 -14.45
N ALA A 11 1.46 21.73 -14.67
CA ALA A 11 0.29 21.55 -13.81
C ALA A 11 -0.25 20.13 -13.94
N GLY A 12 -0.35 19.63 -15.17
CA GLY A 12 -0.79 18.26 -15.36
C GLY A 12 0.15 17.25 -14.73
N ALA A 13 1.46 17.49 -14.85
CA ALA A 13 2.43 16.59 -14.24
C ALA A 13 2.32 16.60 -12.73
N LEU A 14 2.11 17.77 -12.13
CA LEU A 14 1.94 17.85 -10.68
C LEU A 14 0.69 17.11 -10.24
N ILE A 15 -0.43 17.28 -10.96
CA ILE A 15 -1.65 16.57 -10.59
C ILE A 15 -1.46 15.06 -10.74
N GLY A 16 -0.78 14.63 -11.82
CA GLY A 16 -0.54 13.21 -12.01
C GLY A 16 0.36 12.63 -10.94
N GLY A 17 1.40 13.36 -10.55
CA GLY A 17 2.26 12.90 -9.47
C GLY A 17 1.51 12.84 -8.15
N GLY A 18 0.64 13.81 -7.91
CA GLY A 18 -0.20 13.74 -6.71
C GLY A 18 -1.08 12.52 -6.70
N LEU A 19 -1.70 12.20 -7.84
CA LEU A 19 -2.49 10.98 -7.93
C LEU A 19 -1.64 9.75 -7.68
N ILE A 20 -0.45 9.70 -8.28
CA ILE A 20 0.45 8.56 -8.11
C ILE A 20 0.76 8.36 -6.63
N MET A 21 1.17 9.44 -5.96
CA MET A 21 1.59 9.33 -4.57
C MET A 21 0.42 9.03 -3.65
N GLY A 22 -0.76 9.60 -3.93
CA GLY A 22 -1.92 9.28 -3.12
C GLY A 22 -2.32 7.82 -3.22
N GLY A 23 -2.38 7.30 -4.45
CA GLY A 23 -2.69 5.90 -4.62
C GLY A 23 -1.66 4.99 -3.97
N GLY A 24 -0.37 5.31 -4.15
CA GLY A 24 0.67 4.53 -3.53
C GLY A 24 0.58 4.55 -2.02
N ALA A 25 0.30 5.72 -1.43
CA ALA A 25 0.18 5.83 0.01
C ALA A 25 -0.99 5.02 0.52
N ILE A 26 -2.14 5.09 -0.17
CA ILE A 26 -3.30 4.30 0.25
C ILE A 26 -2.94 2.81 0.23
N GLY A 27 -2.38 2.35 -0.88
CA GLY A 27 -2.05 0.93 -0.98
C GLY A 27 -1.06 0.50 0.06
N ALA A 28 0.02 1.28 0.23
CA ALA A 28 1.06 0.93 1.19
C ALA A 28 0.50 0.89 2.61
N GLY A 29 -0.23 1.93 3.00
CA GLY A 29 -0.77 1.97 4.34
C GLY A 29 -1.68 0.79 4.63
N ILE A 30 -2.62 0.53 3.72
CA ILE A 30 -3.59 -0.54 3.98
C ILE A 30 -2.91 -1.90 3.96
N GLY A 31 -2.01 -2.14 3.01
CA GLY A 31 -1.33 -3.43 2.95
C GLY A 31 -0.43 -3.67 4.13
N ASP A 32 0.31 -2.64 4.56
CA ASP A 32 1.15 -2.77 5.74
C ASP A 32 0.31 -3.00 6.98
N GLY A 33 -0.83 -2.32 7.09
CA GLY A 33 -1.72 -2.57 8.21
C GLY A 33 -2.23 -4.00 8.23
N ILE A 34 -2.60 -4.53 7.07
CA ILE A 34 -3.11 -5.90 7.00
C ILE A 34 -2.01 -6.89 7.37
N ALA A 35 -0.80 -6.69 6.84
CA ALA A 35 0.30 -7.59 7.17
C ALA A 35 0.64 -7.52 8.65
N GLY A 36 0.66 -6.33 9.22
CA GLY A 36 0.90 -6.19 10.64
C GLY A 36 -0.21 -6.81 11.49
N ASN A 37 -1.45 -6.73 11.01
CA ASN A 37 -2.54 -7.42 11.70
C ASN A 37 -2.29 -8.92 11.72
N ALA A 38 -1.88 -9.48 10.58
CA ALA A 38 -1.57 -10.90 10.54
C ALA A 38 -0.45 -11.24 11.52
N LEU A 39 0.62 -10.43 11.53
CA LEU A 39 1.74 -10.68 12.41
C LEU A 39 1.31 -10.64 13.87
N ILE A 40 0.56 -9.60 14.25
CA ILE A 40 0.16 -9.43 15.63
C ILE A 40 -0.77 -10.56 16.06
N SER A 41 -1.72 -10.94 15.21
CA SER A 41 -2.61 -12.03 15.55
C SER A 41 -1.85 -13.34 15.71
N GLY A 42 -0.91 -13.61 14.80
CA GLY A 42 -0.12 -14.83 14.92
C GLY A 42 0.70 -14.86 16.19
N ILE A 43 1.28 -13.72 16.56
CA ILE A 43 2.06 -13.67 17.80
C ILE A 43 1.15 -13.85 19.00
N ALA A 44 -0.05 -13.25 18.96
CA ALA A 44 -0.98 -13.40 20.07
C ALA A 44 -1.39 -14.85 20.24
N ARG A 45 -1.62 -15.56 19.14
CA ARG A 45 -2.05 -16.95 19.22
C ARG A 45 -1.01 -17.81 19.94
N GLN A 46 0.27 -17.62 19.63
CA GLN A 46 1.34 -18.45 20.19
C GLN A 46 2.56 -17.55 20.34
N PRO A 47 2.72 -16.90 21.51
CA PRO A 47 3.65 -15.77 21.61
C PRO A 47 5.12 -16.11 21.38
N GLU A 48 5.47 -17.38 21.22
CA GLU A 48 6.84 -17.77 20.94
C GLU A 48 7.09 -18.08 19.46
N ALA A 49 6.19 -17.61 18.58
CA ALA A 49 6.38 -17.71 17.14
C ALA A 49 6.91 -16.41 16.54
N GLN A 50 7.35 -15.46 17.36
CA GLN A 50 7.78 -14.17 16.84
C GLN A 50 8.87 -14.34 15.80
N GLY A 51 9.87 -15.17 16.08
CA GLY A 51 11.01 -15.28 15.19
C GLY A 51 10.64 -15.79 13.81
N ARG A 52 9.83 -16.84 13.76
CA ARG A 52 9.56 -17.50 12.48
C ARG A 52 8.54 -16.77 11.63
N LEU A 53 7.81 -15.80 12.20
CA LEU A 53 6.83 -15.04 11.44
C LEU A 53 7.41 -13.79 10.79
N PHE A 54 8.56 -13.31 11.28
CA PHE A 54 9.13 -12.09 10.75
C PHE A 54 9.58 -12.26 9.30
N THR A 55 10.06 -13.44 8.91
CA THR A 55 10.43 -13.65 7.51
C THR A 55 9.24 -13.52 6.58
N PRO A 56 8.14 -14.25 6.75
CA PRO A 56 6.97 -14.02 5.89
C PRO A 56 6.41 -12.62 6.00
N PHE A 57 6.45 -12.04 7.21
CA PHE A 57 5.94 -10.68 7.36
C PHE A 57 6.75 -9.69 6.53
N PHE A 58 8.07 -9.85 6.51
CA PHE A 58 8.90 -8.93 5.74
C PHE A 58 8.83 -9.22 4.25
N ILE A 59 8.57 -10.47 3.87
CA ILE A 59 8.29 -10.75 2.45
C ILE A 59 7.04 -10.00 2.02
N THR A 60 5.98 -10.08 2.84
CA THR A 60 4.76 -9.36 2.54
C THR A 60 5.00 -7.86 2.50
N VAL A 61 5.78 -7.34 3.45
CA VAL A 61 6.05 -5.91 3.49
C VAL A 61 6.83 -5.47 2.26
N GLY A 62 7.81 -6.27 1.84
CA GLY A 62 8.53 -5.94 0.63
C GLY A 62 7.63 -5.93 -0.59
N LEU A 63 6.75 -6.93 -0.71
CA LEU A 63 5.84 -6.95 -1.85
C LEU A 63 4.91 -5.74 -1.82
N VAL A 64 4.46 -5.33 -0.64
CA VAL A 64 3.54 -4.20 -0.55
C VAL A 64 4.28 -2.89 -0.89
N GLU A 65 5.47 -2.70 -0.33
CA GLU A 65 6.25 -1.48 -0.59
C GLU A 65 6.78 -1.42 -2.01
N ALA A 66 6.84 -2.55 -2.72
CA ALA A 66 7.28 -2.51 -4.10
C ALA A 66 6.44 -1.51 -4.90
N ALA A 67 5.12 -1.65 -4.82
CA ALA A 67 4.23 -0.74 -5.53
C ALA A 67 4.41 0.69 -5.05
N TYR A 68 4.45 0.89 -3.73
CA TYR A 68 4.55 2.24 -3.19
C TYR A 68 5.78 2.96 -3.72
N PHE A 69 6.93 2.29 -3.70
CA PHE A 69 8.16 2.96 -4.06
C PHE A 69 8.37 3.02 -5.56
N ILE A 70 7.81 2.08 -6.32
CA ILE A 70 7.78 2.25 -7.77
C ILE A 70 6.96 3.48 -8.13
N ASN A 71 5.81 3.66 -7.48
CA ASN A 71 5.01 4.86 -7.70
C ASN A 71 5.75 6.11 -7.27
N LEU A 72 6.50 6.04 -6.17
CA LEU A 72 7.28 7.19 -5.74
C LEU A 72 8.32 7.56 -6.78
N ALA A 73 9.01 6.55 -7.33
CA ALA A 73 10.01 6.81 -8.37
C ALA A 73 9.36 7.43 -9.61
N PHE A 74 8.20 6.91 -10.01
CA PHE A 74 7.57 7.44 -11.22
C PHE A 74 6.97 8.83 -10.98
N MET A 75 6.53 9.12 -9.75
CA MET A 75 6.12 10.48 -9.41
C MET A 75 7.32 11.42 -9.49
N ALA A 76 8.48 10.99 -8.99
CA ALA A 76 9.67 11.80 -9.12
C ALA A 76 10.00 12.05 -10.58
N LEU A 77 9.84 11.02 -11.42
CA LEU A 77 10.02 11.21 -12.86
C LEU A 77 9.04 12.24 -13.41
N PHE A 78 7.77 12.16 -12.99
CA PHE A 78 6.76 13.08 -13.48
C PHE A 78 7.10 14.52 -13.12
N VAL A 79 7.50 14.75 -11.87
CA VAL A 79 7.57 16.12 -11.36
C VAL A 79 8.95 16.75 -11.57
N PHE A 80 10.01 15.95 -11.66
CA PHE A 80 11.37 16.48 -11.76
C PHE A 80 11.93 16.40 -13.18
N ALA A 81 11.59 15.36 -13.93
CA ALA A 81 11.92 15.26 -15.35
C ALA A 81 10.63 14.89 -16.08
N THR A 82 9.82 15.90 -16.38
CA THR A 82 8.48 15.65 -16.91
C THR A 82 8.57 15.16 -18.35
N PRO A 83 8.06 13.98 -18.67
CA PRO A 83 8.05 13.54 -20.08
C PRO A 83 7.21 14.46 -20.94
N GLY A 84 7.63 14.62 -22.19
CA GLY A 84 6.89 15.44 -23.13
C GLY A 84 6.80 16.90 -22.74
N LEU A 85 7.71 17.39 -21.91
CA LEU A 85 7.70 18.79 -21.50
C LEU A 85 8.41 19.61 -22.57
N GLN A 86 7.65 20.50 -23.22
CA GLN A 86 8.20 21.35 -24.26
C GLN A 86 9.24 22.31 -23.69
N LEU B 3 -2.74 28.55 -28.47
CA LEU B 3 -2.13 27.60 -27.54
C LEU B 3 -1.77 26.31 -28.25
N ASP B 4 -0.73 25.64 -27.78
CA ASP B 4 -0.29 24.40 -28.40
C ASP B 4 -1.24 23.27 -28.03
N PRO B 5 -1.91 22.62 -28.99
CA PRO B 5 -2.77 21.49 -28.63
C PRO B 5 -2.01 20.34 -27.98
N ASN B 6 -0.75 20.14 -28.39
CA ASN B 6 0.06 19.09 -27.80
C ASN B 6 0.21 19.30 -26.29
N ALA B 7 0.20 20.54 -25.83
CA ALA B 7 0.29 20.79 -24.39
C ALA B 7 -0.93 20.25 -23.67
N ILE B 8 -2.12 20.51 -24.20
CA ILE B 8 -3.34 19.97 -23.60
C ILE B 8 -3.31 18.46 -23.61
N ILE B 9 -2.90 17.88 -24.75
CA ILE B 9 -2.87 16.42 -24.85
C ILE B 9 -1.88 15.83 -23.85
N THR B 10 -0.72 16.50 -23.67
CA THR B 10 0.29 15.98 -22.76
C THR B 10 -0.15 16.10 -21.31
N ALA B 11 -0.82 17.20 -20.96
CA ALA B 11 -1.35 17.31 -19.60
C ALA B 11 -2.39 16.24 -19.33
N GLY B 12 -3.29 16.01 -20.30
CA GLY B 12 -4.26 14.94 -20.15
C GLY B 12 -3.61 13.58 -20.01
N ALA B 13 -2.57 13.33 -20.81
CA ALA B 13 -1.86 12.05 -20.74
C ALA B 13 -1.18 11.87 -19.39
N LEU B 14 -0.57 12.94 -18.87
CA LEU B 14 0.07 12.86 -17.55
C LEU B 14 -0.95 12.57 -16.47
N ILE B 15 -2.10 13.24 -16.51
CA ILE B 15 -3.14 12.97 -15.51
C ILE B 15 -3.65 11.55 -15.63
N GLY B 16 -3.84 11.07 -16.87
CA GLY B 16 -4.30 9.71 -17.06
C GLY B 16 -3.31 8.67 -16.55
N GLY B 17 -2.02 8.87 -16.84
CA GLY B 17 -1.02 7.97 -16.31
C GLY B 17 -0.95 8.00 -14.80
N GLY B 18 -1.14 9.20 -14.22
CA GLY B 18 -1.20 9.29 -12.78
C GLY B 18 -2.35 8.50 -12.19
N LEU B 19 -3.52 8.60 -12.82
CA LEU B 19 -4.66 7.79 -12.39
C LEU B 19 -4.36 6.30 -12.52
N ILE B 20 -3.74 5.91 -13.64
CA ILE B 20 -3.44 4.50 -13.87
C ILE B 20 -2.54 3.96 -12.76
N MET B 21 -1.48 4.70 -12.45
CA MET B 21 -0.56 4.28 -11.38
C MET B 21 -1.22 4.35 -10.01
N GLY B 22 -2.07 5.33 -9.74
CA GLY B 22 -2.75 5.34 -8.46
C GLY B 22 -3.61 4.11 -8.26
N GLY B 23 -4.41 3.77 -9.27
CA GLY B 23 -5.23 2.57 -9.18
C GLY B 23 -4.42 1.31 -9.08
N GLY B 24 -3.38 1.19 -9.91
CA GLY B 24 -2.53 0.01 -9.85
C GLY B 24 -1.86 -0.14 -8.50
N ALA B 25 -1.37 0.97 -7.94
CA ALA B 25 -0.74 0.93 -6.64
C ALA B 25 -1.71 0.52 -5.56
N ILE B 26 -2.92 1.09 -5.55
CA ILE B 26 -3.91 0.70 -4.56
C ILE B 26 -4.19 -0.79 -4.65
N GLY B 27 -4.48 -1.26 -5.86
CA GLY B 27 -4.81 -2.67 -6.02
C GLY B 27 -3.68 -3.58 -5.61
N ALA B 28 -2.47 -3.30 -6.10
CA ALA B 28 -1.32 -4.14 -5.79
C ALA B 28 -1.04 -4.15 -4.29
N GLY B 29 -0.99 -2.98 -3.67
CA GLY B 29 -0.69 -2.93 -2.25
C GLY B 29 -1.70 -3.69 -1.42
N ILE B 30 -3.00 -3.45 -1.67
CA ILE B 30 -4.01 -4.08 -0.83
C ILE B 30 -4.07 -5.58 -1.08
N GLY B 31 -4.00 -6.00 -2.35
CA GLY B 31 -4.05 -7.42 -2.65
C GLY B 31 -2.84 -8.16 -2.10
N ASP B 32 -1.65 -7.60 -2.25
CA ASP B 32 -0.46 -8.22 -1.68
C ASP B 32 -0.54 -8.27 -0.17
N GLY B 33 -1.06 -7.22 0.46
CA GLY B 33 -1.25 -7.27 1.91
C GLY B 33 -2.19 -8.37 2.33
N ILE B 34 -3.29 -8.55 1.60
CA ILE B 34 -4.26 -9.58 1.94
C ILE B 34 -3.64 -10.97 1.78
N ALA B 35 -2.96 -11.20 0.65
CA ALA B 35 -2.33 -12.49 0.43
C ALA B 35 -1.26 -12.78 1.48
N GLY B 36 -0.47 -11.77 1.82
CA GLY B 36 0.53 -11.93 2.86
C GLY B 36 -0.07 -12.17 4.22
N ASN B 37 -1.23 -11.56 4.50
CA ASN B 37 -1.94 -11.86 5.73
C ASN B 37 -2.32 -13.34 5.79
N ALA B 38 -2.85 -13.87 4.69
CA ALA B 38 -3.17 -15.29 4.63
C ALA B 38 -1.93 -16.14 4.88
N LEU B 39 -0.83 -15.80 4.20
CA LEU B 39 0.40 -16.57 4.33
C LEU B 39 0.92 -16.53 5.76
N ILE B 40 0.94 -15.35 6.38
CA ILE B 40 1.46 -15.20 7.73
C ILE B 40 0.61 -15.97 8.72
N SER B 41 -0.72 -15.90 8.59
CA SER B 41 -1.58 -16.67 9.48
C SER B 41 -1.35 -18.17 9.31
N GLY B 42 -1.25 -18.63 8.06
CA GLY B 42 -1.01 -20.04 7.82
C GLY B 42 0.30 -20.51 8.42
N ILE B 43 1.35 -19.70 8.29
CA ILE B 43 2.64 -20.07 8.87
C ILE B 43 2.58 -20.05 10.39
N ALA B 44 1.88 -19.07 10.97
CA ALA B 44 1.77 -19.01 12.42
C ALA B 44 1.06 -20.24 12.97
N ARG B 45 -0.03 -20.66 12.32
CA ARG B 45 -0.76 -21.82 12.82
C ARG B 45 -0.01 -23.11 12.52
N GLN B 46 0.55 -23.25 11.33
CA GLN B 46 1.24 -24.46 10.88
C GLN B 46 2.66 -24.09 10.46
N PRO B 47 3.64 -24.16 11.37
CA PRO B 47 5.01 -23.80 10.99
C PRO B 47 5.57 -24.67 9.87
N GLU B 48 5.13 -25.93 9.79
CA GLU B 48 5.62 -26.84 8.75
C GLU B 48 5.17 -26.43 7.36
N ALA B 49 4.16 -25.56 7.24
CA ALA B 49 3.64 -25.16 5.94
C ALA B 49 4.51 -24.13 5.23
N GLN B 50 5.57 -23.64 5.89
CA GLN B 50 6.41 -22.58 5.34
C GLN B 50 6.61 -22.71 3.84
N GLY B 51 6.90 -23.92 3.38
CA GLY B 51 7.12 -24.15 1.96
C GLY B 51 5.85 -24.31 1.17
N ARG B 52 4.97 -25.21 1.62
CA ARG B 52 3.81 -25.59 0.81
C ARG B 52 2.84 -24.43 0.60
N LEU B 53 2.95 -23.37 1.38
CA LEU B 53 2.07 -22.20 1.21
C LEU B 53 2.64 -21.18 0.24
N PHE B 54 3.91 -21.31 -0.17
CA PHE B 54 4.46 -20.37 -1.15
C PHE B 54 3.87 -20.62 -2.53
N THR B 55 3.61 -21.88 -2.87
CA THR B 55 3.07 -22.19 -4.20
C THR B 55 1.75 -21.47 -4.46
N PRO B 56 0.75 -21.56 -3.58
CA PRO B 56 -0.46 -20.75 -3.81
C PRO B 56 -0.21 -19.26 -3.64
N PHE B 57 0.56 -18.88 -2.62
CA PHE B 57 0.82 -17.46 -2.37
C PHE B 57 1.36 -16.78 -3.62
N PHE B 58 2.42 -17.34 -4.20
CA PHE B 58 3.01 -16.73 -5.39
C PHE B 58 2.14 -16.93 -6.64
N ILE B 59 1.19 -17.87 -6.60
CA ILE B 59 0.18 -17.89 -7.65
C ILE B 59 -0.73 -16.68 -7.51
N THR B 60 -1.04 -16.29 -6.27
CA THR B 60 -1.83 -15.09 -6.04
C THR B 60 -1.03 -13.84 -6.37
N VAL B 61 0.13 -13.67 -5.72
CA VAL B 61 0.89 -12.44 -5.86
C VAL B 61 1.16 -12.15 -7.34
N GLY B 62 1.61 -13.17 -8.07
CA GLY B 62 1.79 -13.03 -9.50
C GLY B 62 0.63 -12.28 -10.12
N LEU B 63 -0.57 -12.85 -10.02
CA LEU B 63 -1.75 -12.20 -10.60
C LEU B 63 -1.86 -10.77 -10.10
N VAL B 64 -1.77 -10.58 -8.78
CA VAL B 64 -1.90 -9.25 -8.21
C VAL B 64 -0.87 -8.32 -8.81
N GLU B 65 0.39 -8.78 -8.93
CA GLU B 65 1.40 -7.95 -9.56
C GLU B 65 1.09 -7.70 -11.03
N ALA B 66 0.62 -8.73 -11.73
CA ALA B 66 0.42 -8.62 -13.17
C ALA B 66 -0.33 -7.32 -13.51
N ALA B 67 -1.56 -7.20 -13.02
CA ALA B 67 -2.34 -5.99 -13.22
C ALA B 67 -1.47 -4.75 -13.06
N TYR B 68 -0.89 -4.59 -11.87
CA TYR B 68 -0.04 -3.44 -11.61
C TYR B 68 0.91 -3.20 -12.76
N PHE B 69 1.77 -4.17 -13.06
CA PHE B 69 2.79 -3.94 -14.06
C PHE B 69 2.17 -3.74 -15.43
N ILE B 70 1.06 -4.42 -15.73
CA ILE B 70 0.36 -4.15 -16.97
C ILE B 70 0.00 -2.67 -17.04
N ASN B 71 -0.62 -2.16 -15.98
CA ASN B 71 -0.91 -0.74 -15.90
C ASN B 71 0.36 0.06 -16.16
N LEU B 72 1.47 -0.34 -15.52
CA LEU B 72 2.71 0.38 -15.71
C LEU B 72 3.02 0.54 -17.18
N ALA B 73 2.95 -0.56 -17.93
CA ALA B 73 3.24 -0.49 -19.36
C ALA B 73 2.38 0.60 -20.00
N PHE B 74 1.07 0.53 -19.78
CA PHE B 74 0.18 1.49 -20.41
C PHE B 74 0.52 2.91 -19.97
N MET B 75 0.83 3.09 -18.69
CA MET B 75 1.22 4.42 -18.23
C MET B 75 2.38 4.95 -19.05
N ALA B 76 3.41 4.11 -19.27
CA ALA B 76 4.49 4.52 -20.13
C ALA B 76 3.96 4.92 -21.50
N LEU B 77 3.14 4.05 -22.09
CA LEU B 77 2.56 4.35 -23.38
C LEU B 77 1.79 5.67 -23.33
N PHE B 78 1.15 5.96 -22.20
CA PHE B 78 0.42 7.21 -22.07
C PHE B 78 1.34 8.41 -22.14
N VAL B 79 2.49 8.34 -21.47
CA VAL B 79 3.33 9.52 -21.25
C VAL B 79 4.49 9.58 -22.23
N PHE B 80 5.09 8.44 -22.56
CA PHE B 80 6.29 8.45 -23.39
C PHE B 80 5.94 8.47 -24.88
N ALA B 81 4.90 7.74 -25.27
CA ALA B 81 4.37 7.80 -26.63
C ALA B 81 2.86 8.02 -26.53
N THR B 82 2.46 9.28 -26.39
CA THR B 82 1.08 9.60 -26.10
C THR B 82 0.20 9.33 -27.33
N PRO B 83 -0.78 8.44 -27.25
CA PRO B 83 -1.70 8.26 -28.37
C PRO B 83 -2.51 9.52 -28.64
N GLY B 84 -2.73 9.81 -29.92
CA GLY B 84 -3.45 10.99 -30.31
C GLY B 84 -2.66 12.28 -30.25
N LEU B 85 -1.38 12.21 -29.90
CA LEU B 85 -0.54 13.40 -29.80
C LEU B 85 -0.05 13.80 -31.19
N GLN B 86 -0.55 14.92 -31.69
CA GLN B 86 -0.17 15.40 -33.01
C GLN B 86 1.32 15.70 -33.07
N LEU C 3 -8.09 26.86 -29.85
CA LEU C 3 -7.84 25.49 -29.40
C LEU C 3 -8.41 24.49 -30.38
N ASP C 4 -7.62 23.49 -30.73
CA ASP C 4 -8.09 22.42 -31.60
C ASP C 4 -9.07 21.54 -30.83
N PRO C 5 -10.31 21.39 -31.28
CA PRO C 5 -11.24 20.52 -30.54
C PRO C 5 -10.75 19.09 -30.41
N ASN C 6 -10.03 18.59 -31.40
CA ASN C 6 -9.48 17.24 -31.32
C ASN C 6 -8.55 17.10 -30.11
N ALA C 7 -7.79 18.15 -29.79
CA ALA C 7 -6.90 18.06 -28.63
C ALA C 7 -7.68 17.96 -27.33
N ILE C 8 -8.76 18.73 -27.19
CA ILE C 8 -9.58 18.64 -25.99
C ILE C 8 -10.18 17.24 -25.89
N ILE C 9 -10.70 16.73 -27.01
CA ILE C 9 -11.29 15.39 -27.00
C ILE C 9 -10.24 14.35 -26.64
N THR C 10 -9.02 14.50 -27.16
CA THR C 10 -7.97 13.53 -26.86
C THR C 10 -7.57 13.58 -25.39
N ALA C 11 -7.47 14.78 -24.83
CA ALA C 11 -7.14 14.88 -23.40
C ALA C 11 -8.23 14.24 -22.55
N GLY C 12 -9.49 14.52 -22.88
CA GLY C 12 -10.58 13.89 -22.14
C GLY C 12 -10.57 12.37 -22.28
N ALA C 13 -10.29 11.88 -23.49
CA ALA C 13 -10.23 10.44 -23.71
C ALA C 13 -9.10 9.81 -22.92
N LEU C 14 -7.94 10.47 -22.88
CA LEU C 14 -6.83 9.95 -22.10
C LEU C 14 -7.16 9.90 -20.62
N ILE C 15 -7.79 10.95 -20.09
CA ILE C 15 -8.17 10.96 -18.68
C ILE C 15 -9.18 9.85 -18.40
N GLY C 16 -10.15 9.68 -19.31
CA GLY C 16 -11.15 8.63 -19.11
C GLY C 16 -10.53 7.24 -19.15
N GLY C 17 -9.63 7.01 -20.09
CA GLY C 17 -8.94 5.73 -20.15
C GLY C 17 -8.10 5.49 -18.91
N GLY C 18 -7.46 6.54 -18.39
CA GLY C 18 -6.73 6.40 -17.15
C GLY C 18 -7.63 6.03 -15.99
N LEU C 19 -8.82 6.65 -15.92
CA LEU C 19 -9.78 6.27 -14.90
C LEU C 19 -10.22 4.81 -15.05
N ILE C 20 -10.48 4.39 -16.29
CA ILE C 20 -10.89 3.02 -16.54
C ILE C 20 -9.83 2.04 -16.05
N MET C 21 -8.58 2.29 -16.44
CA MET C 21 -7.49 1.39 -16.06
C MET C 21 -7.26 1.43 -14.55
N GLY C 22 -7.36 2.59 -13.92
CA GLY C 22 -7.20 2.65 -12.48
C GLY C 22 -8.24 1.84 -11.74
N GLY C 23 -9.50 2.01 -12.13
CA GLY C 23 -10.55 1.21 -11.51
C GLY C 23 -10.38 -0.27 -11.76
N GLY C 24 -10.06 -0.64 -13.00
CA GLY C 24 -9.85 -2.04 -13.31
C GLY C 24 -8.71 -2.64 -12.52
N ALA C 25 -7.60 -1.90 -12.38
CA ALA C 25 -6.46 -2.38 -11.62
C ALA C 25 -6.82 -2.53 -10.15
N ILE C 26 -7.53 -1.56 -9.58
CA ILE C 26 -7.94 -1.68 -8.18
C ILE C 26 -8.78 -2.93 -7.99
N GLY C 27 -9.80 -3.09 -8.83
CA GLY C 27 -10.68 -4.23 -8.68
C GLY C 27 -9.95 -5.55 -8.85
N ALA C 28 -9.14 -5.66 -9.90
CA ALA C 28 -8.41 -6.90 -10.15
C ALA C 28 -7.46 -7.22 -9.00
N GLY C 29 -6.66 -6.24 -8.57
CA GLY C 29 -5.71 -6.50 -7.52
C GLY C 29 -6.38 -6.94 -6.23
N ILE C 30 -7.41 -6.20 -5.80
CA ILE C 30 -8.04 -6.52 -4.52
C ILE C 30 -8.81 -7.84 -4.60
N GLY C 31 -9.54 -8.06 -5.69
CA GLY C 31 -10.27 -9.31 -5.81
C GLY C 31 -9.37 -10.52 -5.87
N ASP C 32 -8.29 -10.43 -6.65
CA ASP C 32 -7.35 -11.53 -6.72
C ASP C 32 -6.65 -11.74 -5.38
N GLY C 33 -6.33 -10.66 -4.67
CA GLY C 33 -5.76 -10.82 -3.34
C GLY C 33 -6.69 -11.54 -2.39
N ILE C 34 -7.98 -11.18 -2.42
CA ILE C 34 -8.94 -11.83 -1.53
C ILE C 34 -9.11 -13.31 -1.90
N ALA C 35 -9.23 -13.60 -3.19
CA ALA C 35 -9.37 -14.99 -3.61
C ALA C 35 -8.13 -15.79 -3.25
N GLY C 36 -6.94 -15.20 -3.41
CA GLY C 36 -5.73 -15.87 -3.01
C GLY C 36 -5.62 -16.07 -1.50
N ASN C 37 -6.13 -15.12 -0.72
CA ASN C 37 -6.21 -15.32 0.72
C ASN C 37 -7.05 -16.55 1.02
N ALA C 38 -8.20 -16.67 0.35
CA ALA C 38 -9.05 -17.84 0.57
C ALA C 38 -8.32 -19.12 0.18
N LEU C 39 -7.63 -19.11 -0.96
CA LEU C 39 -6.93 -20.31 -1.42
C LEU C 39 -5.82 -20.69 -0.45
N ILE C 40 -5.04 -19.71 -0.01
CA ILE C 40 -3.93 -19.98 0.90
C ILE C 40 -4.45 -20.50 2.24
N SER C 41 -5.51 -19.90 2.76
CA SER C 41 -6.09 -20.38 4.00
C SER C 41 -6.60 -21.80 3.86
N GLY C 42 -7.28 -22.10 2.74
CA GLY C 42 -7.76 -23.46 2.53
C GLY C 42 -6.65 -24.46 2.46
N ILE C 43 -5.57 -24.13 1.75
CA ILE C 43 -4.45 -25.06 1.63
C ILE C 43 -3.75 -25.23 2.97
N ALA C 44 -3.62 -24.14 3.75
CA ALA C 44 -2.99 -24.25 5.06
C ALA C 44 -3.81 -25.13 5.98
N ARG C 45 -5.13 -24.98 5.97
CA ARG C 45 -5.98 -25.77 6.86
C ARG C 45 -5.86 -27.26 6.55
N GLN C 46 -5.82 -27.62 5.27
CA GLN C 46 -5.61 -29.01 4.88
C GLN C 46 -4.87 -29.08 3.55
N PRO C 47 -3.66 -29.65 3.51
CA PRO C 47 -2.91 -29.68 2.24
C PRO C 47 -3.59 -30.47 1.14
N GLU C 48 -4.34 -31.51 1.48
CA GLU C 48 -4.88 -32.40 0.45
C GLU C 48 -5.90 -31.70 -0.46
N ALA C 49 -6.41 -30.55 -0.05
CA ALA C 49 -7.44 -29.86 -0.80
C ALA C 49 -6.90 -29.00 -1.93
N GLN C 50 -5.57 -28.90 -2.08
CA GLN C 50 -4.99 -27.93 -3.01
C GLN C 50 -5.67 -27.99 -4.37
N GLY C 51 -5.53 -29.12 -5.08
CA GLY C 51 -6.17 -29.25 -6.38
C GLY C 51 -7.66 -29.07 -6.31
N ARG C 52 -8.30 -29.64 -5.28
CA ARG C 52 -9.75 -29.51 -5.15
C ARG C 52 -10.18 -28.06 -5.06
N LEU C 53 -9.27 -27.17 -4.61
CA LEU C 53 -9.60 -25.76 -4.47
C LEU C 53 -9.27 -24.94 -5.70
N PHE C 54 -8.63 -25.53 -6.71
CA PHE C 54 -8.29 -24.75 -7.89
C PHE C 54 -9.51 -24.49 -8.78
N THR C 55 -10.45 -25.42 -8.81
CA THR C 55 -11.66 -25.22 -9.61
C THR C 55 -12.44 -24.00 -9.17
N PRO C 56 -12.78 -23.83 -7.89
CA PRO C 56 -13.47 -22.59 -7.49
C PRO C 56 -12.57 -21.37 -7.54
N PHE C 57 -11.34 -21.47 -7.05
CA PHE C 57 -10.45 -20.31 -7.04
C PHE C 57 -10.33 -19.70 -8.44
N PHE C 58 -9.99 -20.53 -9.43
CA PHE C 58 -9.82 -20.00 -10.78
C PHE C 58 -11.14 -19.51 -11.37
N ILE C 59 -12.28 -19.98 -10.87
CA ILE C 59 -13.55 -19.37 -11.25
C ILE C 59 -13.58 -17.92 -10.76
N THR C 60 -13.24 -17.71 -9.49
CA THR C 60 -13.23 -16.36 -8.94
C THR C 60 -12.26 -15.48 -9.72
N VAL C 61 -11.02 -15.93 -9.86
CA VAL C 61 -10.05 -15.16 -10.65
C VAL C 61 -10.54 -15.04 -12.09
N GLY C 62 -11.31 -16.00 -12.57
CA GLY C 62 -11.91 -15.86 -13.88
C GLY C 62 -12.90 -14.72 -13.95
N LEU C 63 -13.72 -14.58 -12.92
CA LEU C 63 -14.72 -13.51 -12.90
C LEU C 63 -14.10 -12.15 -12.63
N VAL C 64 -13.06 -12.10 -11.79
CA VAL C 64 -12.40 -10.84 -11.50
C VAL C 64 -11.64 -10.35 -12.73
N GLU C 65 -10.67 -11.13 -13.19
CA GLU C 65 -9.86 -10.73 -14.33
C GLU C 65 -10.72 -10.32 -15.52
N ALA C 66 -11.81 -11.06 -15.75
CA ALA C 66 -12.68 -10.73 -16.87
C ALA C 66 -13.07 -9.25 -16.84
N ALA C 67 -13.55 -8.79 -15.68
CA ALA C 67 -13.91 -7.39 -15.56
C ALA C 67 -12.74 -6.51 -15.99
N TYR C 68 -11.56 -6.76 -15.41
CA TYR C 68 -10.38 -6.00 -15.79
C TYR C 68 -10.22 -6.00 -17.30
N PHE C 69 -10.25 -7.19 -17.91
CA PHE C 69 -10.05 -7.27 -19.35
C PHE C 69 -11.03 -6.37 -20.07
N ILE C 70 -12.31 -6.43 -19.69
CA ILE C 70 -13.31 -5.60 -20.35
C ILE C 70 -12.88 -4.14 -20.29
N ASN C 71 -12.52 -3.67 -19.10
CA ASN C 71 -12.05 -2.29 -18.97
C ASN C 71 -10.92 -2.03 -19.96
N LEU C 72 -9.92 -2.90 -19.95
CA LEU C 72 -8.79 -2.74 -20.87
C LEU C 72 -9.29 -2.55 -22.29
N ALA C 73 -10.19 -3.42 -22.73
CA ALA C 73 -10.70 -3.31 -24.09
C ALA C 73 -11.25 -1.91 -24.33
N PHE C 74 -12.14 -1.45 -23.44
CA PHE C 74 -12.74 -0.14 -23.63
C PHE C 74 -11.70 0.96 -23.50
N MET C 75 -10.69 0.76 -22.66
CA MET C 75 -9.59 1.73 -22.62
C MET C 75 -9.03 1.93 -24.03
N ALA C 76 -8.76 0.83 -24.73
CA ALA C 76 -8.30 0.95 -26.10
C ALA C 76 -9.26 1.80 -26.91
N LEU C 77 -10.56 1.49 -26.82
CA LEU C 77 -11.55 2.28 -27.54
C LEU C 77 -11.42 3.76 -27.18
N PHE C 78 -11.24 4.06 -25.89
CA PHE C 78 -11.09 5.45 -25.48
C PHE C 78 -9.83 6.06 -26.08
N VAL C 79 -8.73 5.31 -26.12
CA VAL C 79 -7.42 5.88 -26.36
C VAL C 79 -7.02 5.79 -27.83
N PHE C 80 -7.29 4.66 -28.49
CA PHE C 80 -6.80 4.44 -29.85
C PHE C 80 -7.84 4.78 -30.92
N ALA C 81 -9.13 4.55 -30.66
CA ALA C 81 -10.21 4.98 -31.55
C ALA C 81 -11.21 5.75 -30.69
N THR C 82 -10.92 7.03 -30.47
CA THR C 82 -11.68 7.80 -29.50
C THR C 82 -13.09 8.06 -30.01
N PRO C 83 -14.14 7.63 -29.29
CA PRO C 83 -15.49 7.99 -29.72
C PRO C 83 -15.69 9.49 -29.75
N GLY C 84 -16.41 9.96 -30.77
CA GLY C 84 -16.71 11.37 -30.87
C GLY C 84 -15.56 12.25 -31.29
N LEU C 85 -14.44 11.66 -31.71
CA LEU C 85 -13.28 12.45 -32.12
C LEU C 85 -13.52 13.09 -33.47
N GLN C 86 -14.01 14.34 -33.46
CA GLN C 86 -14.31 15.05 -34.69
C GLN C 86 -13.03 15.55 -35.35
N LEU D 3 -14.50 28.29 -29.10
CA LEU D 3 -14.24 26.86 -29.16
C LEU D 3 -15.52 26.09 -29.45
N ASP D 4 -15.38 24.88 -29.97
CA ASP D 4 -16.54 24.08 -30.32
C ASP D 4 -17.18 23.52 -29.04
N PRO D 5 -18.47 23.76 -28.81
CA PRO D 5 -19.13 23.12 -27.65
C PRO D 5 -19.03 21.60 -27.69
N ASN D 6 -19.08 21.00 -28.87
CA ASN D 6 -19.05 19.55 -28.97
C ASN D 6 -17.77 18.97 -28.38
N ALA D 7 -16.65 19.68 -28.54
CA ALA D 7 -15.39 19.17 -28.00
C ALA D 7 -15.45 19.09 -26.48
N ILE D 8 -15.91 20.16 -25.83
CA ILE D 8 -16.00 20.16 -24.37
C ILE D 8 -16.99 19.10 -23.90
N ILE D 9 -18.14 19.01 -24.58
CA ILE D 9 -19.15 18.03 -24.17
C ILE D 9 -18.61 16.61 -24.32
N THR D 10 -17.89 16.34 -25.41
CA THR D 10 -17.33 15.01 -25.62
C THR D 10 -16.25 14.68 -24.60
N ALA D 11 -15.42 15.66 -24.26
CA ALA D 11 -14.40 15.42 -23.23
C ALA D 11 -15.06 15.11 -21.88
N GLY D 12 -16.09 15.88 -21.52
CA GLY D 12 -16.80 15.59 -20.29
C GLY D 12 -17.47 14.23 -20.31
N ALA D 13 -18.06 13.86 -21.45
CA ALA D 13 -18.70 12.55 -21.57
C ALA D 13 -17.69 11.43 -21.44
N LEU D 14 -16.52 11.58 -22.05
CA LEU D 14 -15.48 10.57 -21.94
C LEU D 14 -15.00 10.45 -20.49
N ILE D 15 -14.81 11.56 -19.80
CA ILE D 15 -14.39 11.50 -18.40
C ILE D 15 -15.47 10.82 -17.55
N GLY D 16 -16.74 11.14 -17.82
CA GLY D 16 -17.82 10.51 -17.07
C GLY D 16 -17.90 9.02 -17.31
N GLY D 17 -17.76 8.61 -18.57
CA GLY D 17 -17.74 7.18 -18.87
C GLY D 17 -16.57 6.47 -18.22
N GLY D 18 -15.40 7.12 -18.21
CA GLY D 18 -14.27 6.55 -17.53
C GLY D 18 -14.52 6.37 -16.05
N LEU D 19 -15.14 7.37 -15.41
CA LEU D 19 -15.51 7.24 -14.01
C LEU D 19 -16.50 6.09 -13.81
N ILE D 20 -17.49 5.98 -14.70
CA ILE D 20 -18.49 4.94 -14.59
C ILE D 20 -17.82 3.56 -14.61
N MET D 21 -16.96 3.34 -15.60
CA MET D 21 -16.31 2.03 -15.70
C MET D 21 -15.30 1.80 -14.59
N GLY D 22 -14.60 2.83 -14.14
CA GLY D 22 -13.69 2.64 -13.02
C GLY D 22 -14.42 2.19 -11.78
N GLY D 23 -15.52 2.87 -11.45
CA GLY D 23 -16.31 2.45 -10.30
C GLY D 23 -16.90 1.06 -10.49
N GLY D 24 -17.43 0.79 -11.68
CA GLY D 24 -18.01 -0.52 -11.93
C GLY D 24 -16.99 -1.63 -11.81
N ALA D 25 -15.79 -1.43 -12.34
CA ALA D 25 -14.75 -2.44 -12.25
C ALA D 25 -14.30 -2.63 -10.81
N ILE D 26 -14.14 -1.54 -10.06
CA ILE D 26 -13.77 -1.68 -8.65
C ILE D 26 -14.80 -2.53 -7.93
N GLY D 27 -16.08 -2.17 -8.08
CA GLY D 27 -17.13 -2.89 -7.39
C GLY D 27 -17.20 -4.35 -7.81
N ALA D 28 -17.16 -4.60 -9.11
CA ALA D 28 -17.27 -5.96 -9.61
C ALA D 28 -16.09 -6.81 -9.14
N GLY D 29 -14.88 -6.29 -9.28
CA GLY D 29 -13.71 -7.04 -8.87
C GLY D 29 -13.73 -7.37 -7.39
N ILE D 30 -14.00 -6.36 -6.55
CA ILE D 30 -13.93 -6.61 -5.11
C ILE D 30 -15.06 -7.51 -4.65
N GLY D 31 -16.27 -7.30 -5.19
CA GLY D 31 -17.39 -8.16 -4.82
C GLY D 31 -17.20 -9.60 -5.27
N ASP D 32 -16.72 -9.79 -6.50
CA ASP D 32 -16.44 -11.13 -6.99
C ASP D 32 -15.34 -11.79 -6.16
N GLY D 33 -14.31 -11.02 -5.78
CA GLY D 33 -13.28 -11.57 -4.94
C GLY D 33 -13.81 -12.01 -3.59
N ILE D 34 -14.67 -11.21 -2.98
CA ILE D 34 -15.21 -11.56 -1.67
C ILE D 34 -16.11 -12.78 -1.76
N ALA D 35 -16.98 -12.82 -2.76
CA ALA D 35 -17.86 -13.97 -2.94
C ALA D 35 -17.04 -15.24 -3.23
N GLY D 36 -16.01 -15.11 -4.06
CA GLY D 36 -15.14 -16.24 -4.33
C GLY D 36 -14.36 -16.70 -3.11
N ASN D 37 -13.98 -15.75 -2.25
CA ASN D 37 -13.35 -16.12 -0.98
C ASN D 37 -14.31 -16.97 -0.15
N ALA D 38 -15.57 -16.54 -0.07
CA ALA D 38 -16.56 -17.33 0.66
C ALA D 38 -16.70 -18.72 0.06
N LEU D 39 -16.80 -18.79 -1.27
CA LEU D 39 -16.98 -20.07 -1.95
C LEU D 39 -15.77 -20.99 -1.73
N ILE D 40 -14.56 -20.44 -1.85
CA ILE D 40 -13.36 -21.25 -1.68
C ILE D 40 -13.25 -21.75 -0.26
N SER D 41 -13.53 -20.89 0.73
CA SER D 41 -13.50 -21.33 2.11
C SER D 41 -14.52 -22.43 2.37
N GLY D 42 -15.73 -22.25 1.83
CA GLY D 42 -16.76 -23.27 2.03
C GLY D 42 -16.37 -24.60 1.42
N ILE D 43 -15.85 -24.58 0.19
CA ILE D 43 -15.45 -25.83 -0.47
C ILE D 43 -14.28 -26.47 0.24
N ALA D 44 -13.34 -25.66 0.77
CA ALA D 44 -12.24 -26.21 1.55
C ALA D 44 -12.75 -26.87 2.82
N ARG D 45 -13.78 -26.29 3.44
CA ARG D 45 -14.31 -26.86 4.67
C ARG D 45 -14.83 -28.27 4.44
N GLN D 46 -15.54 -28.48 3.34
CA GLN D 46 -16.09 -29.80 3.04
C GLN D 46 -16.35 -29.96 1.54
N PRO D 47 -15.87 -31.05 0.92
CA PRO D 47 -16.13 -31.23 -0.52
C PRO D 47 -17.61 -31.29 -0.89
N GLU D 48 -18.43 -31.90 -0.02
CA GLU D 48 -19.83 -32.12 -0.38
C GLU D 48 -20.57 -30.82 -0.66
N ALA D 49 -20.07 -29.69 -0.17
CA ALA D 49 -20.78 -28.43 -0.35
C ALA D 49 -20.61 -27.85 -1.76
N GLN D 50 -19.61 -28.31 -2.51
CA GLN D 50 -19.30 -27.70 -3.80
C GLN D 50 -20.54 -27.59 -4.67
N GLY D 51 -21.29 -28.67 -4.81
CA GLY D 51 -22.50 -28.63 -5.62
C GLY D 51 -23.52 -27.66 -5.07
N ARG D 52 -23.74 -27.68 -3.75
CA ARG D 52 -24.74 -26.80 -3.16
C ARG D 52 -24.29 -25.34 -3.19
N LEU D 53 -23.06 -25.08 -2.75
CA LEU D 53 -22.61 -23.70 -2.56
C LEU D 53 -22.63 -22.89 -3.85
N PHE D 54 -22.53 -23.55 -5.01
CA PHE D 54 -22.53 -22.82 -6.26
C PHE D 54 -23.87 -22.13 -6.51
N THR D 55 -24.94 -22.54 -5.82
CA THR D 55 -26.23 -21.87 -6.01
C THR D 55 -26.21 -20.47 -5.43
N PRO D 56 -26.00 -20.28 -4.12
CA PRO D 56 -25.92 -18.89 -3.61
C PRO D 56 -24.83 -18.07 -4.27
N PHE D 57 -23.68 -18.69 -4.55
CA PHE D 57 -22.56 -17.94 -5.12
C PHE D 57 -22.99 -17.21 -6.39
N PHE D 58 -23.59 -17.94 -7.34
CA PHE D 58 -24.05 -17.30 -8.57
C PHE D 58 -24.98 -16.14 -8.25
N ILE D 59 -25.90 -16.34 -7.30
CA ILE D 59 -26.82 -15.25 -6.93
C ILE D 59 -26.02 -14.02 -6.55
N THR D 60 -25.01 -14.20 -5.70
CA THR D 60 -24.13 -13.08 -5.37
C THR D 60 -23.51 -12.51 -6.63
N VAL D 61 -22.90 -13.36 -7.44
CA VAL D 61 -22.29 -12.89 -8.69
C VAL D 61 -23.35 -12.31 -9.60
N GLY D 62 -24.61 -12.74 -9.46
CA GLY D 62 -25.68 -12.12 -10.24
C GLY D 62 -25.89 -10.67 -9.84
N LEU D 63 -25.87 -10.39 -8.54
CA LEU D 63 -26.10 -9.03 -8.08
C LEU D 63 -24.88 -8.15 -8.29
N VAL D 64 -23.68 -8.74 -8.30
CA VAL D 64 -22.47 -7.96 -8.50
C VAL D 64 -22.27 -7.66 -9.98
N GLU D 65 -22.13 -8.71 -10.80
CA GLU D 65 -21.86 -8.50 -12.21
C GLU D 65 -22.94 -7.63 -12.86
N ALA D 66 -24.20 -7.84 -12.47
CA ALA D 66 -25.27 -7.01 -13.00
C ALA D 66 -24.95 -5.53 -12.77
N ALA D 67 -24.60 -5.17 -11.54
CA ALA D 67 -24.27 -3.78 -11.25
C ALA D 67 -23.19 -3.28 -12.19
N TYR D 68 -22.22 -4.13 -12.51
CA TYR D 68 -21.19 -3.75 -13.47
C TYR D 68 -21.80 -3.45 -14.83
N PHE D 69 -22.56 -4.42 -15.37
CA PHE D 69 -22.97 -4.31 -16.76
C PHE D 69 -23.89 -3.13 -16.98
N ILE D 70 -24.79 -2.85 -16.03
CA ILE D 70 -25.59 -1.63 -16.12
C ILE D 70 -24.68 -0.44 -16.35
N ASN D 71 -23.68 -0.26 -15.47
CA ASN D 71 -22.72 0.82 -15.66
C ASN D 71 -22.14 0.76 -17.07
N LEU D 72 -21.70 -0.42 -17.49
CA LEU D 72 -21.15 -0.57 -18.84
C LEU D 72 -22.13 0.00 -19.86
N ALA D 73 -23.38 -0.44 -19.81
CA ALA D 73 -24.37 0.06 -20.75
C ALA D 73 -24.38 1.59 -20.74
N PHE D 74 -24.42 2.18 -19.55
CA PHE D 74 -24.53 3.63 -19.47
C PHE D 74 -23.31 4.31 -20.08
N MET D 75 -22.11 3.72 -19.94
CA MET D 75 -20.97 4.33 -20.60
C MET D 75 -21.22 4.47 -22.10
N ALA D 76 -21.79 3.43 -22.71
CA ALA D 76 -22.16 3.54 -24.12
C ALA D 76 -22.99 4.79 -24.34
N LEU D 77 -24.05 4.95 -23.55
CA LEU D 77 -24.89 6.13 -23.66
C LEU D 77 -24.06 7.40 -23.55
N PHE D 78 -23.08 7.41 -22.64
CA PHE D 78 -22.25 8.59 -22.47
C PHE D 78 -21.36 8.83 -23.68
N VAL D 79 -20.82 7.77 -24.28
CA VAL D 79 -19.73 7.93 -25.25
C VAL D 79 -20.23 7.80 -26.68
N PHE D 80 -21.27 7.00 -26.88
CA PHE D 80 -21.77 6.73 -28.22
C PHE D 80 -22.95 7.58 -28.61
N ALA D 81 -23.88 7.84 -27.70
CA ALA D 81 -24.98 8.79 -27.91
C ALA D 81 -25.00 9.72 -26.70
N THR D 82 -24.14 10.73 -26.74
CA THR D 82 -23.94 11.58 -25.57
C THR D 82 -25.19 12.40 -25.30
N PRO D 83 -25.81 12.28 -24.13
CA PRO D 83 -26.96 13.14 -23.82
C PRO D 83 -26.57 14.61 -23.86
N GLY D 84 -27.45 15.42 -24.42
CA GLY D 84 -27.18 16.85 -24.53
C GLY D 84 -25.95 17.16 -25.36
N LEU D 85 -25.71 16.37 -26.41
CA LEU D 85 -24.53 16.59 -27.24
C LEU D 85 -24.58 17.91 -27.99
N GLN D 86 -25.77 18.49 -28.16
CA GLN D 86 -25.90 19.78 -28.81
C GLN D 86 -25.36 19.73 -30.24
N LEU E 3 -17.77 30.99 -24.35
CA LEU E 3 -18.55 30.21 -25.28
C LEU E 3 -19.89 29.79 -24.65
N ASP E 4 -20.56 28.83 -25.27
CA ASP E 4 -21.92 28.48 -24.85
C ASP E 4 -21.95 28.05 -23.38
N PRO E 5 -22.77 28.69 -22.54
CA PRO E 5 -22.89 28.20 -21.15
C PRO E 5 -23.36 26.76 -21.07
N ASN E 6 -24.25 26.35 -21.97
CA ASN E 6 -24.77 24.99 -21.92
C ASN E 6 -23.67 23.96 -22.13
N ALA E 7 -22.62 24.30 -22.88
CA ALA E 7 -21.52 23.36 -23.07
C ALA E 7 -20.85 23.04 -21.75
N ILE E 8 -20.46 24.08 -20.99
CA ILE E 8 -19.81 23.86 -19.71
C ILE E 8 -20.76 23.16 -18.74
N ILE E 9 -22.03 23.58 -18.73
CA ILE E 9 -22.99 22.97 -17.81
C ILE E 9 -23.15 21.49 -18.12
N THR E 10 -23.24 21.14 -19.40
CA THR E 10 -23.43 19.75 -19.78
C THR E 10 -22.18 18.92 -19.47
N ALA E 11 -20.99 19.48 -19.69
CA ALA E 11 -19.77 18.77 -19.34
C ALA E 11 -19.73 18.49 -17.84
N GLY E 12 -20.06 19.50 -17.04
CA GLY E 12 -20.10 19.30 -15.60
C GLY E 12 -21.14 18.28 -15.18
N ALA E 13 -22.31 18.31 -15.83
CA ALA E 13 -23.36 17.36 -15.51
C ALA E 13 -22.94 15.93 -15.85
N LEU E 14 -22.28 15.76 -17.00
CA LEU E 14 -21.79 14.43 -17.36
C LEU E 14 -20.74 13.94 -16.37
N ILE E 15 -19.81 14.82 -15.96
CA ILE E 15 -18.81 14.41 -14.98
C ILE E 15 -19.48 14.03 -13.66
N GLY E 16 -20.47 14.82 -13.23
CA GLY E 16 -21.16 14.52 -12.00
C GLY E 16 -21.92 13.20 -12.05
N GLY E 17 -22.61 12.95 -13.17
CA GLY E 17 -23.29 11.68 -13.33
C GLY E 17 -22.33 10.51 -13.35
N GLY E 18 -21.18 10.69 -13.99
CA GLY E 18 -20.17 9.65 -13.97
C GLY E 18 -19.68 9.37 -12.56
N LEU E 19 -19.44 10.41 -11.77
CA LEU E 19 -19.06 10.22 -10.38
C LEU E 19 -20.15 9.48 -9.62
N ILE E 20 -21.41 9.86 -9.83
CA ILE E 20 -22.52 9.25 -9.10
C ILE E 20 -22.59 7.76 -9.41
N MET E 21 -22.48 7.40 -10.68
CA MET E 21 -22.53 5.98 -11.06
C MET E 21 -21.28 5.23 -10.62
N GLY E 22 -20.11 5.87 -10.63
CA GLY E 22 -18.93 5.19 -10.11
C GLY E 22 -19.09 4.85 -8.64
N GLY E 23 -19.54 5.82 -7.84
CA GLY E 23 -19.76 5.56 -6.43
C GLY E 23 -20.84 4.52 -6.19
N GLY E 24 -21.96 4.63 -6.93
CA GLY E 24 -23.02 3.67 -6.77
C GLY E 24 -22.60 2.26 -7.13
N ALA E 25 -21.84 2.12 -8.23
CA ALA E 25 -21.37 0.80 -8.63
C ALA E 25 -20.39 0.24 -7.60
N ILE E 26 -19.47 1.06 -7.10
CA ILE E 26 -18.53 0.58 -6.09
C ILE E 26 -19.29 0.08 -4.87
N GLY E 27 -20.21 0.91 -4.36
CA GLY E 27 -20.94 0.54 -3.17
C GLY E 27 -21.79 -0.70 -3.38
N ALA E 28 -22.52 -0.76 -4.49
CA ALA E 28 -23.37 -1.91 -4.75
C ALA E 28 -22.54 -3.18 -4.87
N GLY E 29 -21.48 -3.14 -5.68
CA GLY E 29 -20.67 -4.32 -5.85
C GLY E 29 -20.08 -4.82 -4.55
N ILE E 30 -19.49 -3.92 -3.77
CA ILE E 30 -18.81 -4.35 -2.55
C ILE E 30 -19.82 -4.83 -1.51
N GLY E 31 -20.92 -4.10 -1.33
CA GLY E 31 -21.92 -4.52 -0.37
C GLY E 31 -22.56 -5.85 -0.74
N ASP E 32 -22.92 -6.02 -2.02
CA ASP E 32 -23.48 -7.29 -2.46
C ASP E 32 -22.49 -8.42 -2.29
N GLY E 33 -21.22 -8.17 -2.60
CA GLY E 33 -20.21 -9.19 -2.39
C GLY E 33 -20.08 -9.60 -0.94
N ILE E 34 -20.11 -8.62 -0.03
CA ILE E 34 -19.98 -8.92 1.39
C ILE E 34 -21.19 -9.71 1.88
N ALA E 35 -22.40 -9.28 1.50
CA ALA E 35 -23.60 -9.99 1.93
C ALA E 35 -23.62 -11.40 1.35
N GLY E 36 -23.24 -11.56 0.09
CA GLY E 36 -23.17 -12.88 -0.50
C GLY E 36 -22.11 -13.76 0.15
N ASN E 37 -21.00 -13.17 0.57
CA ASN E 37 -19.99 -13.92 1.32
C ASN E 37 -20.59 -14.45 2.61
N ALA E 38 -21.32 -13.60 3.33
CA ALA E 38 -21.99 -14.06 4.55
C ALA E 38 -22.96 -15.19 4.24
N LEU E 39 -23.76 -15.04 3.19
CA LEU E 39 -24.74 -16.07 2.83
C LEU E 39 -24.05 -17.38 2.47
N ILE E 40 -22.99 -17.31 1.67
CA ILE E 40 -22.30 -18.53 1.24
C ILE E 40 -21.67 -19.23 2.43
N SER E 41 -21.02 -18.48 3.32
CA SER E 41 -20.43 -19.09 4.51
C SER E 41 -21.50 -19.73 5.38
N GLY E 42 -22.64 -19.04 5.56
CA GLY E 42 -23.71 -19.61 6.37
C GLY E 42 -24.26 -20.89 5.77
N ILE E 43 -24.46 -20.92 4.46
CA ILE E 43 -24.98 -22.12 3.81
C ILE E 43 -23.96 -23.25 3.88
N ALA E 44 -22.67 -22.93 3.74
CA ALA E 44 -21.63 -23.95 3.83
C ALA E 44 -21.61 -24.57 5.22
N ARG E 45 -21.54 -23.74 6.26
CA ARG E 45 -21.45 -24.27 7.62
C ARG E 45 -22.73 -25.02 7.99
N GLN E 46 -23.89 -24.49 7.60
CA GLN E 46 -25.19 -25.07 7.95
C GLN E 46 -25.99 -25.29 6.67
N PRO E 47 -25.82 -26.46 6.03
CA PRO E 47 -26.56 -26.70 4.78
C PRO E 47 -28.07 -26.63 4.94
N GLU E 48 -28.60 -26.87 6.13
CA GLU E 48 -30.04 -26.86 6.36
C GLU E 48 -30.58 -25.46 6.62
N ALA E 49 -29.73 -24.44 6.60
CA ALA E 49 -30.15 -23.05 6.76
C ALA E 49 -30.43 -22.38 5.43
N GLN E 50 -30.38 -23.12 4.33
CA GLN E 50 -30.53 -22.54 2.98
C GLN E 50 -31.63 -21.49 2.95
N GLY E 51 -32.85 -21.89 3.30
CA GLY E 51 -33.96 -20.94 3.27
C GLY E 51 -33.83 -19.84 4.31
N ARG E 52 -33.47 -20.20 5.54
CA ARG E 52 -33.56 -19.25 6.64
C ARG E 52 -32.68 -18.03 6.41
N LEU E 53 -31.62 -18.16 5.62
CA LEU E 53 -30.68 -17.06 5.41
C LEU E 53 -31.08 -16.16 4.26
N PHE E 54 -32.13 -16.48 3.51
CA PHE E 54 -32.56 -15.59 2.44
C PHE E 54 -33.26 -14.35 2.97
N THR E 55 -34.06 -14.50 4.03
CA THR E 55 -34.80 -13.34 4.54
C THR E 55 -33.87 -12.21 4.98
N PRO E 56 -32.83 -12.46 5.78
CA PRO E 56 -31.88 -11.36 6.07
C PRO E 56 -31.12 -10.93 4.84
N PHE E 57 -30.54 -11.88 4.10
CA PHE E 57 -29.71 -11.53 2.95
C PHE E 57 -30.45 -10.59 2.01
N PHE E 58 -31.65 -10.97 1.58
CA PHE E 58 -32.42 -10.10 0.70
C PHE E 58 -32.53 -8.70 1.28
N ILE E 59 -32.93 -8.59 2.56
CA ILE E 59 -32.99 -7.27 3.18
C ILE E 59 -31.72 -6.50 2.89
N THR E 60 -30.57 -7.07 3.25
CA THR E 60 -29.31 -6.38 3.00
C THR E 60 -29.20 -5.98 1.54
N VAL E 61 -29.39 -6.95 0.63
CA VAL E 61 -29.29 -6.64 -0.79
C VAL E 61 -30.25 -5.52 -1.12
N GLY E 62 -31.50 -5.64 -0.69
CA GLY E 62 -32.44 -4.55 -0.89
C GLY E 62 -31.83 -3.22 -0.54
N LEU E 63 -31.42 -3.06 0.73
CA LEU E 63 -30.85 -1.78 1.14
C LEU E 63 -29.74 -1.36 0.20
N VAL E 64 -28.78 -2.25 -0.03
CA VAL E 64 -27.67 -1.90 -0.91
C VAL E 64 -28.22 -1.46 -2.25
N GLU E 65 -29.03 -2.31 -2.88
CA GLU E 65 -29.56 -1.98 -4.19
C GLU E 65 -30.28 -0.64 -4.15
N ALA E 66 -31.05 -0.39 -3.09
CA ALA E 66 -31.74 0.89 -2.98
C ALA E 66 -30.79 2.02 -3.31
N ALA E 67 -29.70 2.14 -2.55
CA ALA E 67 -28.79 3.25 -2.77
C ALA E 67 -28.39 3.32 -4.23
N TYR E 68 -27.92 2.21 -4.78
CA TYR E 68 -27.50 2.20 -6.17
C TYR E 68 -28.58 2.79 -7.05
N PHE E 69 -29.79 2.23 -6.99
CA PHE E 69 -30.83 2.70 -7.90
C PHE E 69 -31.16 4.16 -7.63
N ILE E 70 -31.19 4.58 -6.36
CA ILE E 70 -31.42 6.00 -6.10
C ILE E 70 -30.39 6.83 -6.84
N ASN E 71 -29.11 6.48 -6.72
CA ASN E 71 -28.08 7.18 -7.47
C ASN E 71 -28.42 7.20 -8.94
N LEU E 72 -28.78 6.04 -9.50
CA LEU E 72 -29.13 5.99 -10.92
C LEU E 72 -30.16 7.04 -11.25
N ALA E 73 -31.24 7.11 -10.47
CA ALA E 73 -32.26 8.11 -10.75
C ALA E 73 -31.64 9.49 -10.84
N PHE E 74 -30.88 9.88 -9.82
CA PHE E 74 -30.31 11.22 -9.81
C PHE E 74 -29.36 11.43 -10.97
N MET E 75 -28.61 10.40 -11.36
CA MET E 75 -27.75 10.55 -12.53
C MET E 75 -28.58 10.92 -13.75
N ALA E 76 -29.72 10.24 -13.95
CA ALA E 76 -30.61 10.66 -15.02
C ALA E 76 -30.98 12.12 -14.86
N LEU E 77 -31.38 12.52 -13.64
CA LEU E 77 -31.68 13.92 -13.40
C LEU E 77 -30.47 14.80 -13.73
N PHE E 78 -29.27 14.33 -13.43
CA PHE E 78 -28.08 15.09 -13.79
C PHE E 78 -27.91 15.18 -15.29
N VAL E 79 -28.19 14.09 -16.00
CA VAL E 79 -27.75 13.96 -17.39
C VAL E 79 -28.85 14.33 -18.37
N PHE E 80 -30.07 13.87 -18.13
CA PHE E 80 -31.13 14.06 -19.12
C PHE E 80 -31.87 15.37 -18.90
N ALA E 81 -32.05 15.78 -17.64
CA ALA E 81 -32.67 17.05 -17.30
C ALA E 81 -31.75 17.78 -16.31
N THR E 82 -30.75 18.47 -16.85
CA THR E 82 -29.70 19.02 -16.01
C THR E 82 -30.24 20.18 -15.18
N PRO E 83 -30.21 20.10 -13.85
CA PRO E 83 -30.61 21.25 -13.04
C PRO E 83 -29.71 22.45 -13.31
N GLY E 84 -30.31 23.63 -13.31
CA GLY E 84 -29.56 24.85 -13.53
C GLY E 84 -29.12 25.08 -14.96
N LEU E 85 -29.59 24.27 -15.90
CA LEU E 85 -29.22 24.45 -17.29
C LEU E 85 -29.76 25.77 -17.81
N GLN E 86 -28.92 26.50 -18.54
CA GLN E 86 -29.31 27.81 -19.07
C GLN E 86 -28.40 28.21 -20.22
N LEU F 3 -18.43 34.67 -21.39
CA LEU F 3 -18.78 33.43 -20.72
C LEU F 3 -19.48 33.72 -19.40
N ASP F 4 -20.72 33.26 -19.27
CA ASP F 4 -21.50 33.54 -18.08
C ASP F 4 -20.85 32.89 -16.86
N PRO F 5 -20.55 33.65 -15.81
CA PRO F 5 -20.01 33.01 -14.60
C PRO F 5 -20.94 31.97 -14.00
N ASN F 6 -22.25 32.16 -14.17
CA ASN F 6 -23.21 31.17 -13.68
C ASN F 6 -22.96 29.81 -14.31
N ALA F 7 -22.46 29.77 -15.54
CA ALA F 7 -22.15 28.48 -16.17
C ALA F 7 -21.06 27.75 -15.40
N ILE F 8 -19.97 28.45 -15.08
CA ILE F 8 -18.88 27.83 -14.34
C ILE F 8 -19.35 27.41 -12.95
N ILE F 9 -20.13 28.27 -12.29
CA ILE F 9 -20.62 27.95 -10.95
C ILE F 9 -21.51 26.72 -11.00
N THR F 10 -22.39 26.64 -12.00
CA THR F 10 -23.28 25.49 -12.11
C THR F 10 -22.50 24.21 -12.39
N ALA F 11 -21.49 24.29 -13.26
CA ALA F 11 -20.67 23.10 -13.52
C ALA F 11 -19.96 22.64 -12.25
N GLY F 12 -19.38 23.58 -11.50
CA GLY F 12 -18.74 23.23 -10.25
C GLY F 12 -19.72 22.62 -9.26
N ALA F 13 -20.93 23.18 -9.18
CA ALA F 13 -21.94 22.65 -8.27
C ALA F 13 -22.36 21.25 -8.69
N LEU F 14 -22.48 21.00 -9.99
CA LEU F 14 -22.83 19.67 -10.46
C LEU F 14 -21.75 18.66 -10.12
N ILE F 15 -20.49 19.04 -10.30
CA ILE F 15 -19.40 18.13 -9.95
C ILE F 15 -19.38 17.88 -8.45
N GLY F 16 -19.60 18.93 -7.65
CA GLY F 16 -19.64 18.76 -6.21
C GLY F 16 -20.77 17.84 -5.76
N GLY F 17 -21.95 18.02 -6.34
CA GLY F 17 -23.06 17.15 -6.01
C GLY F 17 -22.81 15.72 -6.44
N GLY F 18 -22.17 15.54 -7.59
CA GLY F 18 -21.79 14.19 -8.00
C GLY F 18 -20.83 13.55 -7.03
N LEU F 19 -19.85 14.32 -6.54
CA LEU F 19 -18.93 13.79 -5.54
C LEU F 19 -19.68 13.44 -4.26
N ILE F 20 -20.60 14.31 -3.83
CA ILE F 20 -21.35 14.05 -2.60
C ILE F 20 -22.13 12.75 -2.72
N MET F 21 -22.85 12.58 -3.84
CA MET F 21 -23.65 11.39 -4.02
C MET F 21 -22.78 10.14 -4.19
N GLY F 22 -21.65 10.26 -4.87
CA GLY F 22 -20.77 9.10 -5.01
C GLY F 22 -20.24 8.63 -3.67
N GLY F 23 -19.76 9.58 -2.86
CA GLY F 23 -19.29 9.22 -1.53
C GLY F 23 -20.40 8.63 -0.67
N GLY F 24 -21.58 9.25 -0.70
CA GLY F 24 -22.69 8.72 0.06
C GLY F 24 -23.08 7.32 -0.37
N ALA F 25 -23.10 7.08 -1.69
CA ALA F 25 -23.45 5.76 -2.19
C ALA F 25 -22.42 4.72 -1.76
N ILE F 26 -21.13 5.05 -1.90
CA ILE F 26 -20.09 4.11 -1.47
C ILE F 26 -20.25 3.78 0.01
N GLY F 27 -20.36 4.82 0.83
CA GLY F 27 -20.47 4.60 2.27
C GLY F 27 -21.70 3.78 2.63
N ALA F 28 -22.85 4.16 2.09
CA ALA F 28 -24.09 3.46 2.41
C ALA F 28 -24.02 2.01 1.96
N GLY F 29 -23.61 1.77 0.72
CA GLY F 29 -23.55 0.40 0.23
C GLY F 29 -22.63 -0.47 1.05
N ILE F 30 -21.41 0.01 1.33
CA ILE F 30 -20.46 -0.82 2.04
C ILE F 30 -20.89 -1.03 3.49
N GLY F 31 -21.38 0.03 4.15
CA GLY F 31 -21.82 -0.13 5.52
C GLY F 31 -23.02 -1.06 5.64
N ASP F 32 -24.00 -0.92 4.75
CA ASP F 32 -25.15 -1.81 4.77
C ASP F 32 -24.74 -3.24 4.48
N GLY F 33 -23.80 -3.43 3.55
CA GLY F 33 -23.31 -4.78 3.29
C GLY F 33 -22.64 -5.39 4.50
N ILE F 34 -21.82 -4.61 5.21
CA ILE F 34 -21.14 -5.13 6.39
C ILE F 34 -22.15 -5.46 7.49
N ALA F 35 -23.11 -4.56 7.72
CA ALA F 35 -24.13 -4.82 8.75
C ALA F 35 -24.95 -6.06 8.39
N GLY F 36 -25.33 -6.20 7.12
CA GLY F 36 -26.06 -7.38 6.71
C GLY F 36 -25.24 -8.65 6.81
N ASN F 37 -23.94 -8.56 6.54
CA ASN F 37 -23.07 -9.71 6.77
C ASN F 37 -23.12 -10.14 8.23
N ALA F 38 -23.03 -9.17 9.14
CA ALA F 38 -23.11 -9.48 10.55
C ALA F 38 -24.46 -10.11 10.89
N LEU F 39 -25.54 -9.55 10.36
CA LEU F 39 -26.87 -10.06 10.67
C LEU F 39 -27.03 -11.49 10.17
N ILE F 40 -26.59 -11.76 8.93
CA ILE F 40 -26.73 -13.09 8.36
C ILE F 40 -25.89 -14.09 9.14
N SER F 41 -24.65 -13.72 9.48
CA SER F 41 -23.80 -14.62 10.24
C SER F 41 -24.42 -14.93 11.61
N GLY F 42 -24.93 -13.89 12.29
CA GLY F 42 -25.53 -14.11 13.59
C GLY F 42 -26.76 -14.99 13.51
N ILE F 43 -27.60 -14.78 12.50
CA ILE F 43 -28.82 -15.57 12.37
C ILE F 43 -28.46 -17.02 12.03
N ALA F 44 -27.44 -17.23 11.20
CA ALA F 44 -26.98 -18.58 10.93
C ALA F 44 -26.46 -19.25 12.20
N ARG F 45 -25.70 -18.51 13.01
CA ARG F 45 -25.15 -19.07 14.23
C ARG F 45 -26.25 -19.31 15.26
N GLN F 46 -27.13 -18.33 15.47
CA GLN F 46 -28.17 -18.40 16.49
C GLN F 46 -29.51 -18.06 15.84
N PRO F 47 -30.17 -19.05 15.23
CA PRO F 47 -31.44 -18.75 14.54
C PRO F 47 -32.47 -18.10 15.43
N GLU F 48 -32.56 -18.50 16.69
CA GLU F 48 -33.58 -17.94 17.58
C GLU F 48 -33.26 -16.50 17.97
N ALA F 49 -32.05 -16.02 17.68
CA ALA F 49 -31.67 -14.65 18.01
C ALA F 49 -32.12 -13.65 16.96
N GLN F 50 -32.75 -14.09 15.87
CA GLN F 50 -33.14 -13.19 14.80
C GLN F 50 -33.85 -11.96 15.33
N GLY F 51 -34.98 -12.15 16.01
CA GLY F 51 -35.75 -11.02 16.49
C GLY F 51 -34.93 -10.09 17.37
N ARG F 52 -33.97 -10.64 18.11
CA ARG F 52 -33.14 -9.84 18.99
C ARG F 52 -32.07 -9.06 18.23
N LEU F 53 -31.60 -9.60 17.10
CA LEU F 53 -30.51 -8.96 16.37
C LEU F 53 -30.98 -7.81 15.49
N PHE F 54 -32.29 -7.70 15.26
CA PHE F 54 -32.78 -6.64 14.39
C PHE F 54 -32.71 -5.27 15.06
N THR F 55 -32.70 -5.23 16.40
CA THR F 55 -32.58 -3.95 17.09
C THR F 55 -31.23 -3.30 16.85
N PRO F 56 -30.10 -3.94 17.18
CA PRO F 56 -28.81 -3.32 16.82
C PRO F 56 -28.66 -3.08 15.32
N PHE F 57 -29.10 -4.04 14.50
CA PHE F 57 -28.97 -3.88 13.06
C PHE F 57 -29.65 -2.61 12.59
N PHE F 58 -30.92 -2.44 12.95
CA PHE F 58 -31.64 -1.23 12.54
C PHE F 58 -30.95 0.03 13.04
N ILE F 59 -30.23 -0.05 14.17
CA ILE F 59 -29.42 1.08 14.61
C ILE F 59 -28.31 1.32 13.60
N THR F 60 -27.49 0.29 13.35
CA THR F 60 -26.37 0.43 12.44
C THR F 60 -26.82 1.02 11.11
N VAL F 61 -27.69 0.29 10.41
CA VAL F 61 -28.21 0.80 9.14
C VAL F 61 -28.69 2.23 9.31
N GLY F 62 -29.47 2.48 10.36
CA GLY F 62 -29.95 3.82 10.64
C GLY F 62 -28.82 4.81 10.47
N LEU F 63 -27.79 4.69 11.32
CA LEU F 63 -26.67 5.63 11.25
C LEU F 63 -26.15 5.71 9.82
N VAL F 64 -25.83 4.55 9.24
CA VAL F 64 -25.36 4.53 7.86
C VAL F 64 -26.30 5.34 6.98
N GLU F 65 -27.57 4.92 6.94
CA GLU F 65 -28.53 5.61 6.10
C GLU F 65 -28.53 7.11 6.41
N ALA F 66 -28.53 7.46 7.69
CA ALA F 66 -28.51 8.87 8.07
C ALA F 66 -27.49 9.62 7.23
N ALA F 67 -26.23 9.20 7.32
CA ALA F 67 -25.18 9.92 6.59
C ALA F 67 -25.55 10.04 5.13
N TYR F 68 -25.88 8.92 4.49
CA TYR F 68 -26.28 8.95 3.09
C TYR F 68 -27.30 10.05 2.86
N PHE F 69 -28.41 9.99 3.59
CA PHE F 69 -29.50 10.93 3.33
C PHE F 69 -29.02 12.35 3.52
N ILE F 70 -28.22 12.60 4.56
CA ILE F 70 -27.72 13.95 4.77
C ILE F 70 -27.00 14.43 3.52
N ASN F 71 -26.10 13.59 3.00
CA ASN F 71 -25.41 13.94 1.77
C ASN F 71 -26.41 14.27 0.68
N LEU F 72 -27.40 13.41 0.49
CA LEU F 72 -28.42 13.67 -0.52
C LEU F 72 -29.00 15.06 -0.34
N ALA F 73 -29.39 15.40 0.89
CA ALA F 73 -29.94 16.73 1.14
C ALA F 73 -29.00 17.80 0.63
N PHE F 74 -27.73 17.74 1.03
CA PHE F 74 -26.80 18.75 0.60
C PHE F 74 -26.59 18.73 -0.91
N MET F 75 -26.65 17.55 -1.51
CA MET F 75 -26.60 17.51 -2.97
C MET F 75 -27.75 18.30 -3.57
N ALA F 76 -28.95 18.15 -3.02
CA ALA F 76 -30.07 18.96 -3.48
C ALA F 76 -29.77 20.44 -3.31
N LEU F 77 -29.08 20.79 -2.22
CA LEU F 77 -28.67 22.17 -2.04
C LEU F 77 -27.67 22.60 -3.11
N PHE F 78 -26.75 21.69 -3.48
CA PHE F 78 -25.72 22.06 -4.44
C PHE F 78 -26.30 22.29 -5.83
N VAL F 79 -27.22 21.43 -6.27
CA VAL F 79 -27.64 21.44 -7.66
C VAL F 79 -28.87 22.30 -7.90
N PHE F 80 -29.79 22.38 -6.93
CA PHE F 80 -31.05 23.10 -7.12
C PHE F 80 -30.98 24.54 -6.65
N ALA F 81 -30.53 24.76 -5.41
CA ALA F 81 -30.31 26.10 -4.89
C ALA F 81 -28.82 26.24 -4.61
N THR F 82 -28.06 26.55 -5.64
CA THR F 82 -26.60 26.54 -5.55
C THR F 82 -26.13 27.73 -4.74
N PRO F 83 -25.41 27.53 -3.63
CA PRO F 83 -24.86 28.67 -2.89
C PRO F 83 -23.74 29.34 -3.66
N GLY F 84 -23.89 30.63 -3.92
CA GLY F 84 -22.86 31.41 -4.59
C GLY F 84 -23.20 31.85 -6.00
N LEU F 85 -24.39 31.55 -6.50
CA LEU F 85 -24.78 32.02 -7.82
C LEU F 85 -24.81 33.55 -7.84
N GLN F 86 -24.38 34.12 -8.96
CA GLN F 86 -24.34 35.56 -9.12
C GLN F 86 -24.19 35.94 -10.59
N LEU G 3 -13.39 36.04 -17.27
CA LEU G 3 -14.29 35.36 -16.34
C LEU G 3 -14.26 36.04 -14.98
N ASP G 4 -15.38 36.00 -14.27
CA ASP G 4 -15.46 36.63 -12.95
C ASP G 4 -14.60 35.85 -11.96
N PRO G 5 -13.66 36.50 -11.25
CA PRO G 5 -12.86 35.74 -10.28
C PRO G 5 -13.69 35.03 -9.24
N ASN G 6 -14.76 35.67 -8.77
CA ASN G 6 -15.62 35.04 -7.78
C ASN G 6 -16.26 33.77 -8.33
N ALA G 7 -16.54 33.73 -9.63
CA ALA G 7 -17.13 32.53 -10.22
C ALA G 7 -16.18 31.34 -10.11
N ILE G 8 -14.91 31.54 -10.47
CA ILE G 8 -13.92 30.47 -10.36
C ILE G 8 -13.73 30.08 -8.91
N ILE G 9 -13.65 31.06 -8.01
CA ILE G 9 -13.47 30.75 -6.60
C ILE G 9 -14.64 29.92 -6.08
N THR G 10 -15.86 30.29 -6.46
CA THR G 10 -17.04 29.58 -5.99
C THR G 10 -17.10 28.16 -6.57
N ALA G 11 -16.72 28.00 -7.84
CA ALA G 11 -16.69 26.66 -8.41
C ALA G 11 -15.69 25.78 -7.69
N GLY G 12 -14.49 26.31 -7.43
CA GLY G 12 -13.51 25.54 -6.67
C GLY G 12 -13.99 25.21 -5.28
N ALA G 13 -14.65 26.17 -4.61
CA ALA G 13 -15.18 25.92 -3.27
C ALA G 13 -16.26 24.84 -3.30
N LEU G 14 -17.12 24.87 -4.31
CA LEU G 14 -18.16 23.85 -4.41
C LEU G 14 -17.55 22.48 -4.63
N ILE G 15 -16.55 22.37 -5.49
CA ILE G 15 -15.90 21.08 -5.73
C ILE G 15 -15.21 20.61 -4.44
N GLY G 16 -14.56 21.52 -3.73
CA GLY G 16 -13.91 21.14 -2.48
C GLY G 16 -14.90 20.67 -1.43
N GLY G 17 -16.03 21.36 -1.29
CA GLY G 17 -17.04 20.93 -0.36
C GLY G 17 -17.64 19.59 -0.74
N GLY G 18 -17.83 19.36 -2.04
CA GLY G 18 -18.28 18.07 -2.49
C GLY G 18 -17.32 16.96 -2.12
N LEU G 19 -16.02 17.21 -2.32
CA LEU G 19 -15.01 16.23 -1.92
C LEU G 19 -15.05 15.99 -0.41
N ILE G 20 -15.18 17.07 0.37
CA ILE G 20 -15.23 16.93 1.82
C ILE G 20 -16.39 16.03 2.22
N MET G 21 -17.58 16.30 1.67
CA MET G 21 -18.75 15.53 2.06
C MET G 21 -18.68 14.10 1.54
N GLY G 22 -18.11 13.89 0.35
CA GLY G 22 -17.95 12.54 -0.14
C GLY G 22 -17.04 11.71 0.75
N GLY G 23 -15.90 12.27 1.13
CA GLY G 23 -15.00 11.57 2.03
C GLY G 23 -15.62 11.32 3.39
N GLY G 24 -16.29 12.34 3.93
CA GLY G 24 -16.95 12.17 5.22
C GLY G 24 -18.03 11.10 5.17
N ALA G 25 -18.82 11.08 4.09
CA ALA G 25 -19.86 10.08 3.96
C ALA G 25 -19.27 8.68 3.86
N ILE G 26 -18.23 8.52 3.05
CA ILE G 26 -17.60 7.20 2.95
C ILE G 26 -17.10 6.74 4.30
N GLY G 27 -16.35 7.61 4.98
CA GLY G 27 -15.81 7.23 6.28
C GLY G 27 -16.89 6.90 7.29
N ALA G 28 -17.90 7.76 7.39
CA ALA G 28 -18.97 7.55 8.35
C ALA G 28 -19.71 6.25 8.06
N GLY G 29 -20.11 6.04 6.80
CA GLY G 29 -20.84 4.83 6.47
C GLY G 29 -20.06 3.59 6.78
N ILE G 30 -18.80 3.54 6.36
CA ILE G 30 -18.02 2.31 6.52
C ILE G 30 -17.70 2.08 8.00
N GLY G 31 -17.32 3.14 8.73
CA GLY G 31 -17.02 2.97 10.14
C GLY G 31 -18.24 2.55 10.94
N ASP G 32 -19.39 3.16 10.67
CA ASP G 32 -20.62 2.77 11.34
C ASP G 32 -20.98 1.33 11.00
N GLY G 33 -20.81 0.93 9.74
CA GLY G 33 -21.07 -0.44 9.38
C GLY G 33 -20.19 -1.42 10.12
N ILE G 34 -18.90 -1.09 10.26
CA ILE G 34 -17.98 -1.98 10.94
C ILE G 34 -18.32 -2.07 12.44
N ALA G 35 -18.59 -0.93 13.06
CA ALA G 35 -18.96 -0.93 14.48
C ALA G 35 -20.25 -1.70 14.70
N GLY G 36 -21.23 -1.52 13.82
CA GLY G 36 -22.47 -2.27 13.93
C GLY G 36 -22.28 -3.75 13.69
N ASN G 37 -21.36 -4.11 12.80
CA ASN G 37 -21.02 -5.52 12.63
C ASN G 37 -20.49 -6.10 13.92
N ALA G 38 -19.59 -5.37 14.59
CA ALA G 38 -19.09 -5.83 15.87
C ALA G 38 -20.21 -5.97 16.89
N LEU G 39 -21.09 -4.97 16.96
CA LEU G 39 -22.18 -5.00 17.94
C LEU G 39 -23.11 -6.18 17.69
N ILE G 40 -23.48 -6.41 16.42
CA ILE G 40 -24.40 -7.49 16.09
C ILE G 40 -23.76 -8.84 16.37
N SER G 41 -22.48 -8.99 16.02
CA SER G 41 -21.80 -10.25 16.32
C SER G 41 -21.72 -10.50 17.81
N GLY G 42 -21.40 -9.47 18.59
CA GLY G 42 -21.33 -9.64 20.03
C GLY G 42 -22.67 -10.01 20.64
N ILE G 43 -23.75 -9.38 20.16
CA ILE G 43 -25.07 -9.69 20.69
C ILE G 43 -25.50 -11.10 20.29
N ALA G 44 -25.18 -11.50 19.05
CA ALA G 44 -25.52 -12.86 18.62
C ALA G 44 -24.78 -13.90 19.44
N ARG G 45 -23.49 -13.66 19.70
CA ARG G 45 -22.72 -14.63 20.47
C ARG G 45 -23.24 -14.73 21.90
N GLN G 46 -23.54 -13.60 22.53
CA GLN G 46 -24.04 -13.57 23.89
C GLN G 46 -25.21 -12.59 23.96
N PRO G 47 -26.45 -13.06 23.86
CA PRO G 47 -27.59 -12.13 23.84
C PRO G 47 -27.65 -11.17 25.02
N GLU G 48 -27.30 -11.63 26.22
CA GLU G 48 -27.45 -10.79 27.40
C GLU G 48 -26.38 -9.71 27.47
N ALA G 49 -25.37 -9.77 26.61
CA ALA G 49 -24.30 -8.78 26.65
C ALA G 49 -24.72 -7.43 26.08
N GLN G 50 -25.84 -7.38 25.36
CA GLN G 50 -26.27 -6.15 24.71
C GLN G 50 -26.08 -4.93 25.59
N GLY G 51 -26.56 -5.00 26.84
CA GLY G 51 -26.55 -3.83 27.69
C GLY G 51 -25.17 -3.23 27.85
N ARG G 52 -24.15 -4.07 28.04
CA ARG G 52 -22.80 -3.58 28.24
C ARG G 52 -22.04 -3.34 26.93
N LEU G 53 -22.61 -3.73 25.78
CA LEU G 53 -21.95 -3.52 24.51
C LEU G 53 -22.19 -2.13 23.94
N PHE G 54 -23.19 -1.40 24.45
CA PHE G 54 -23.49 -0.10 23.90
C PHE G 54 -22.50 0.98 24.34
N THR G 55 -21.91 0.83 25.52
CA THR G 55 -20.93 1.82 25.98
C THR G 55 -19.74 1.90 25.03
N PRO G 56 -19.08 0.81 24.65
CA PRO G 56 -18.03 0.92 23.63
C PRO G 56 -18.57 1.31 22.27
N PHE G 57 -19.68 0.71 21.84
CA PHE G 57 -20.24 1.04 20.54
C PHE G 57 -20.49 2.54 20.41
N PHE G 58 -21.19 3.12 21.38
CA PHE G 58 -21.45 4.56 21.33
C PHE G 58 -20.15 5.35 21.25
N ILE G 59 -19.09 4.86 21.90
CA ILE G 59 -17.80 5.53 21.77
C ILE G 59 -17.32 5.46 20.33
N THR G 60 -17.32 4.26 19.75
CA THR G 60 -16.86 4.08 18.38
C THR G 60 -17.61 5.01 17.45
N VAL G 61 -18.93 4.83 17.36
CA VAL G 61 -19.74 5.72 16.54
C VAL G 61 -19.46 7.16 16.91
N GLY G 62 -19.36 7.44 18.21
CA GLY G 62 -19.13 8.80 18.65
C GLY G 62 -17.90 9.41 18.00
N LEU G 63 -16.82 8.63 17.91
CA LEU G 63 -15.65 9.09 17.18
C LEU G 63 -15.98 9.25 15.70
N VAL G 64 -16.51 8.21 15.08
CA VAL G 64 -16.75 8.22 13.64
C VAL G 64 -17.58 9.43 13.26
N GLU G 65 -18.80 9.50 13.78
CA GLU G 65 -19.68 10.62 13.47
C GLU G 65 -18.96 11.94 13.67
N ALA G 66 -18.17 12.06 14.75
CA ALA G 66 -17.45 13.30 15.00
C ALA G 66 -16.78 13.78 13.72
N ALA G 67 -15.87 12.96 13.18
CA ALA G 67 -15.15 13.35 11.98
C ALA G 67 -16.13 13.80 10.91
N TYR G 68 -17.13 12.96 10.63
CA TYR G 68 -18.11 13.31 9.60
C TYR G 68 -18.70 14.67 9.86
N PHE G 69 -19.22 14.89 11.07
CA PHE G 69 -19.86 16.15 11.35
C PHE G 69 -18.87 17.30 11.24
N ILE G 70 -17.63 17.07 11.70
CA ILE G 70 -16.61 18.10 11.55
C ILE G 70 -16.48 18.48 10.09
N ASN G 71 -16.37 17.47 9.21
CA ASN G 71 -16.30 17.73 7.79
C ASN G 71 -17.48 18.58 7.36
N LEU G 72 -18.69 18.19 7.79
CA LEU G 72 -19.88 18.95 7.42
C LEU G 72 -19.68 20.42 7.75
N ALA G 73 -19.23 20.72 8.97
CA ALA G 73 -19.02 22.11 9.35
C ALA G 73 -18.14 22.81 8.33
N PHE G 74 -16.98 22.22 8.04
CA PHE G 74 -16.05 22.88 7.12
C PHE G 74 -16.65 22.99 5.73
N MET G 75 -17.47 22.02 5.33
CA MET G 75 -18.14 22.16 4.04
C MET G 75 -18.93 23.46 4.01
N ALA G 76 -19.69 23.74 5.06
CA ALA G 76 -20.40 25.00 5.14
C ALA G 76 -19.42 26.16 4.97
N LEU G 77 -18.31 26.10 5.71
CA LEU G 77 -17.29 27.14 5.59
C LEU G 77 -16.84 27.27 4.14
N PHE G 78 -16.64 26.15 3.45
CA PHE G 78 -16.22 26.22 2.06
C PHE G 78 -17.32 26.84 1.19
N VAL G 79 -18.57 26.50 1.45
CA VAL G 79 -19.66 26.81 0.54
C VAL G 79 -20.36 28.11 0.91
N PHE G 80 -20.59 28.35 2.21
CA PHE G 80 -21.37 29.49 2.65
C PHE G 80 -20.54 30.70 3.02
N ALA G 81 -19.33 30.52 3.53
CA ALA G 81 -18.39 31.62 3.76
C ALA G 81 -17.06 31.19 3.15
N THR G 82 -16.92 31.38 1.84
CA THR G 82 -15.79 30.83 1.12
C THR G 82 -14.51 31.58 1.51
N PRO G 83 -13.50 30.90 2.06
CA PRO G 83 -12.22 31.59 2.31
C PRO G 83 -11.60 32.07 1.01
N GLY G 84 -10.98 33.24 1.07
CA GLY G 84 -10.31 33.79 -0.10
C GLY G 84 -11.25 34.31 -1.17
N LEU G 85 -12.54 34.45 -0.87
CA LEU G 85 -13.48 34.97 -1.87
C LEU G 85 -13.23 36.45 -2.09
N GLN G 86 -13.18 36.85 -3.36
CA GLN G 86 -12.90 38.24 -3.71
C GLN G 86 -14.19 39.01 -3.96
N LEU H 3 -9.03 37.05 -15.70
CA LEU H 3 -8.53 35.90 -14.96
C LEU H 3 -7.49 36.31 -13.93
N ASP H 4 -7.96 36.66 -12.73
CA ASP H 4 -7.04 37.02 -11.66
C ASP H 4 -6.22 35.79 -11.25
N PRO H 5 -4.90 35.88 -11.20
CA PRO H 5 -4.11 34.73 -10.72
C PRO H 5 -4.56 34.26 -9.34
N ASN H 6 -4.90 35.20 -8.45
CA ASN H 6 -5.33 34.81 -7.12
C ASN H 6 -6.59 33.96 -7.17
N ALA H 7 -7.48 34.21 -8.12
CA ALA H 7 -8.70 33.43 -8.22
C ALA H 7 -8.40 31.97 -8.54
N ILE H 8 -7.54 31.73 -9.52
CA ILE H 8 -7.18 30.37 -9.89
C ILE H 8 -6.45 29.69 -8.74
N ILE H 9 -5.54 30.42 -8.10
CA ILE H 9 -4.79 29.83 -6.98
C ILE H 9 -5.74 29.48 -5.84
N THR H 10 -6.71 30.34 -5.57
CA THR H 10 -7.66 30.06 -4.50
C THR H 10 -8.56 28.88 -4.83
N ALA H 11 -8.99 28.76 -6.09
CA ALA H 11 -9.78 27.61 -6.48
C ALA H 11 -8.98 26.32 -6.32
N GLY H 12 -7.72 26.34 -6.75
CA GLY H 12 -6.88 25.16 -6.57
C GLY H 12 -6.67 24.85 -5.10
N ALA H 13 -6.47 25.88 -4.27
CA ALA H 13 -6.29 25.66 -2.85
C ALA H 13 -7.54 25.06 -2.21
N LEU H 14 -8.71 25.53 -2.61
CA LEU H 14 -9.95 24.99 -2.07
C LEU H 14 -10.13 23.54 -2.49
N ILE H 15 -9.84 23.21 -3.74
CA ILE H 15 -9.94 21.83 -4.19
C ILE H 15 -8.96 20.95 -3.42
N GLY H 16 -7.73 21.43 -3.23
CA GLY H 16 -6.74 20.66 -2.48
C GLY H 16 -7.15 20.44 -1.04
N GLY H 17 -7.67 21.49 -0.39
CA GLY H 17 -8.14 21.33 0.98
C GLY H 17 -9.33 20.39 1.06
N GLY H 18 -10.21 20.42 0.07
CA GLY H 18 -11.30 19.47 0.03
C GLY H 18 -10.81 18.04 -0.08
N LEU H 19 -9.81 17.81 -0.94
CA LEU H 19 -9.22 16.47 -1.03
C LEU H 19 -8.58 16.07 0.29
N ILE H 20 -7.87 16.99 0.93
CA ILE H 20 -7.22 16.69 2.21
C ILE H 20 -8.25 16.25 3.23
N MET H 21 -9.33 17.03 3.36
CA MET H 21 -10.36 16.68 4.34
C MET H 21 -11.10 15.41 3.97
N GLY H 22 -11.35 15.18 2.69
CA GLY H 22 -12.00 13.94 2.30
C GLY H 22 -11.16 12.72 2.67
N GLY H 23 -9.87 12.77 2.36
CA GLY H 23 -9.00 11.67 2.73
C GLY H 23 -8.88 11.50 4.23
N GLY H 24 -8.73 12.61 4.96
CA GLY H 24 -8.65 12.52 6.40
C GLY H 24 -9.92 11.93 7.01
N ALA H 25 -11.08 12.36 6.52
CA ALA H 25 -12.34 11.84 7.04
C ALA H 25 -12.48 10.35 6.75
N ILE H 26 -12.14 9.93 5.52
CA ILE H 26 -12.22 8.50 5.19
C ILE H 26 -11.32 7.71 6.13
N GLY H 27 -10.07 8.13 6.25
CA GLY H 27 -9.14 7.39 7.10
C GLY H 27 -9.59 7.35 8.54
N ALA H 28 -9.99 8.49 9.08
CA ALA H 28 -10.41 8.54 10.49
C ALA H 28 -11.63 7.66 10.72
N GLY H 29 -12.65 7.81 9.88
CA GLY H 29 -13.86 7.03 10.07
C GLY H 29 -13.59 5.54 10.02
N ILE H 30 -12.86 5.09 8.98
CA ILE H 30 -12.66 3.65 8.82
C ILE H 30 -11.76 3.10 9.91
N GLY H 31 -10.67 3.81 10.24
CA GLY H 31 -9.78 3.33 11.27
C GLY H 31 -10.45 3.28 12.63
N ASP H 32 -11.21 4.33 12.98
CA ASP H 32 -11.93 4.32 14.24
C ASP H 32 -12.96 3.21 14.26
N GLY H 33 -13.66 2.98 13.15
CA GLY H 33 -14.61 1.89 13.10
C GLY H 33 -13.96 0.54 13.32
N ILE H 34 -12.80 0.31 12.70
CA ILE H 34 -12.12 -0.97 12.87
C ILE H 34 -11.63 -1.15 14.31
N ALA H 35 -11.03 -0.10 14.88
CA ALA H 35 -10.58 -0.19 16.26
C ALA H 35 -11.74 -0.43 17.21
N GLY H 36 -12.86 0.26 16.98
CA GLY H 36 -14.05 0.04 17.79
C GLY H 36 -14.63 -1.34 17.62
N ASN H 37 -14.53 -1.91 16.41
CA ASN H 37 -14.95 -3.29 16.21
C ASN H 37 -14.13 -4.22 17.09
N ALA H 38 -12.80 -4.01 17.10
CA ALA H 38 -11.95 -4.82 17.96
C ALA H 38 -12.34 -4.66 19.42
N LEU H 39 -12.56 -3.42 19.86
CA LEU H 39 -12.91 -3.17 21.25
C LEU H 39 -14.24 -3.82 21.62
N ILE H 40 -15.24 -3.69 20.74
CA ILE H 40 -16.56 -4.25 21.01
C ILE H 40 -16.49 -5.76 21.10
N SER H 41 -15.77 -6.39 20.16
CA SER H 41 -15.64 -7.85 20.21
C SER H 41 -14.93 -8.29 21.48
N GLY H 42 -13.86 -7.60 21.86
CA GLY H 42 -13.14 -7.95 23.07
C GLY H 42 -14.01 -7.84 24.30
N ILE H 43 -14.79 -6.76 24.40
CA ILE H 43 -15.66 -6.59 25.56
C ILE H 43 -16.77 -7.62 25.56
N ALA H 44 -17.30 -7.95 24.37
CA ALA H 44 -18.36 -8.95 24.29
C ALA H 44 -17.86 -10.31 24.78
N ARG H 45 -16.68 -10.73 24.32
CA ARG H 45 -16.18 -12.03 24.70
C ARG H 45 -15.64 -12.04 26.13
N GLN H 46 -15.01 -10.95 26.56
CA GLN H 46 -14.45 -10.83 27.90
C GLN H 46 -15.01 -9.57 28.54
N PRO H 47 -16.14 -9.66 29.25
CA PRO H 47 -16.72 -8.44 29.85
C PRO H 47 -15.77 -7.75 30.80
N GLU H 48 -14.98 -8.50 31.56
CA GLU H 48 -14.05 -7.92 32.52
C GLU H 48 -12.82 -7.29 31.86
N ALA H 49 -12.60 -7.54 30.56
CA ALA H 49 -11.41 -7.02 29.90
C ALA H 49 -11.50 -5.53 29.62
N GLN H 50 -12.71 -4.96 29.64
CA GLN H 50 -12.91 -3.56 29.29
C GLN H 50 -11.81 -2.67 29.86
N GLY H 51 -11.58 -2.78 31.17
CA GLY H 51 -10.57 -1.97 31.84
C GLY H 51 -9.28 -1.85 31.07
N ARG H 52 -8.68 -2.99 30.72
CA ARG H 52 -7.41 -2.95 30.00
C ARG H 52 -7.58 -2.59 28.54
N LEU H 53 -8.70 -2.97 27.92
CA LEU H 53 -8.86 -2.78 26.49
C LEU H 53 -8.91 -1.30 26.10
N PHE H 54 -9.20 -0.41 27.05
CA PHE H 54 -9.18 1.01 26.74
C PHE H 54 -7.76 1.53 26.54
N THR H 55 -6.74 0.81 27.05
CA THR H 55 -5.37 1.28 26.84
C THR H 55 -4.97 1.17 25.37
N PRO H 56 -4.92 -0.01 24.76
CA PRO H 56 -4.57 -0.06 23.33
C PRO H 56 -5.53 0.74 22.46
N PHE H 57 -6.83 0.69 22.77
CA PHE H 57 -7.80 1.41 21.94
C PHE H 57 -7.44 2.89 21.85
N PHE H 58 -7.24 3.54 23.00
CA PHE H 58 -6.88 4.96 22.99
C PHE H 58 -5.60 5.19 22.21
N ILE H 59 -4.67 4.22 22.22
CA ILE H 59 -3.48 4.35 21.38
C ILE H 59 -3.88 4.34 19.91
N THR H 60 -4.67 3.35 19.50
CA THR H 60 -5.06 3.23 18.11
C THR H 60 -5.78 4.50 17.65
N VAL H 61 -6.81 4.90 18.39
CA VAL H 61 -7.51 6.15 18.07
C VAL H 61 -6.53 7.30 18.05
N GLY H 62 -5.61 7.33 19.01
CA GLY H 62 -4.62 8.40 19.03
C GLY H 62 -3.78 8.43 17.77
N LEU H 63 -3.46 7.26 17.22
CA LEU H 63 -2.70 7.19 15.99
C LEU H 63 -3.55 7.47 14.75
N VAL H 64 -4.87 7.41 14.87
CA VAL H 64 -5.76 7.65 13.73
C VAL H 64 -6.20 9.10 13.74
N GLU H 65 -6.81 9.53 14.86
CA GLU H 65 -7.26 10.92 14.96
C GLU H 65 -6.13 11.89 14.69
N ALA H 66 -4.92 11.56 15.16
CA ALA H 66 -3.77 12.41 14.86
C ALA H 66 -3.64 12.62 13.36
N ALA H 67 -3.64 11.53 12.59
CA ALA H 67 -3.55 11.65 11.14
C ALA H 67 -4.66 12.54 10.62
N TYR H 68 -5.86 12.44 11.20
CA TYR H 68 -6.94 13.34 10.82
C TYR H 68 -6.59 14.78 11.16
N PHE H 69 -6.21 15.03 12.40
CA PHE H 69 -6.05 16.41 12.85
C PHE H 69 -4.85 17.09 12.24
N ILE H 70 -3.88 16.32 11.74
CA ILE H 70 -2.82 16.90 10.93
C ILE H 70 -3.40 17.42 9.63
N ASN H 71 -4.19 16.60 8.93
CA ASN H 71 -4.81 17.03 7.69
C ASN H 71 -5.57 18.34 7.91
N LEU H 72 -6.44 18.35 8.92
CA LEU H 72 -7.14 19.57 9.31
C LEU H 72 -6.19 20.76 9.26
N ALA H 73 -5.10 20.69 10.01
CA ALA H 73 -4.17 21.81 10.08
C ALA H 73 -3.75 22.24 8.68
N PHE H 74 -3.29 21.28 7.87
CA PHE H 74 -2.82 21.63 6.54
C PHE H 74 -3.97 22.13 5.67
N MET H 75 -5.17 21.58 5.86
CA MET H 75 -6.33 22.18 5.20
C MET H 75 -6.49 23.63 5.61
N ALA H 76 -6.39 23.91 6.92
CA ALA H 76 -6.44 25.29 7.38
C ALA H 76 -5.31 26.11 6.78
N LEU H 77 -4.19 25.47 6.46
CA LEU H 77 -3.11 26.17 5.77
C LEU H 77 -3.42 26.38 4.30
N PHE H 78 -4.13 25.45 3.67
CA PHE H 78 -4.42 25.57 2.24
C PHE H 78 -5.36 26.72 1.96
N VAL H 79 -6.41 26.88 2.77
CA VAL H 79 -7.50 27.77 2.43
C VAL H 79 -7.45 29.12 3.16
N PHE H 80 -6.71 29.21 4.27
CA PHE H 80 -6.63 30.46 5.01
C PHE H 80 -5.33 31.21 4.77
N ALA H 81 -4.20 30.49 4.64
CA ALA H 81 -2.92 31.07 4.25
C ALA H 81 -2.38 30.22 3.10
N THR H 82 -2.85 30.51 1.89
CA THR H 82 -2.55 29.66 0.75
C THR H 82 -1.09 29.81 0.35
N PRO H 83 -0.29 28.74 0.36
CA PRO H 83 1.07 28.85 -0.15
C PRO H 83 1.08 29.21 -1.63
N GLY H 84 2.03 30.05 -2.03
CA GLY H 84 2.15 30.48 -3.39
C GLY H 84 1.20 31.59 -3.80
N LEU H 85 0.35 32.06 -2.89
CA LEU H 85 -0.56 33.15 -3.22
C LEU H 85 0.20 34.45 -3.42
N GLN H 86 -0.29 35.26 -4.35
CA GLN H 86 0.30 36.56 -4.63
C GLN H 86 -0.77 37.61 -4.86
N LEU I 3 -2.57 35.83 -18.52
CA LEU I 3 -2.69 34.77 -17.53
C LEU I 3 -1.32 34.27 -17.09
N ASP I 4 -0.95 34.59 -15.86
CA ASP I 4 0.36 34.22 -15.34
C ASP I 4 0.49 32.70 -15.29
N PRO I 5 1.49 32.10 -15.94
CA PRO I 5 1.65 30.64 -15.85
C PRO I 5 1.88 30.15 -14.43
N ASN I 6 2.55 30.95 -13.60
CA ASN I 6 2.79 30.54 -12.22
C ASN I 6 1.49 30.28 -11.48
N ALA I 7 0.42 31.00 -11.83
CA ALA I 7 -0.86 30.76 -11.19
C ALA I 7 -1.37 29.35 -11.49
N ILE I 8 -1.31 28.95 -12.76
CA ILE I 8 -1.74 27.61 -13.13
C ILE I 8 -0.87 26.57 -12.47
N ILE I 9 0.45 26.81 -12.45
CA ILE I 9 1.36 25.85 -11.83
C ILE I 9 1.07 25.71 -10.34
N THR I 10 0.80 26.84 -9.66
CA THR I 10 0.49 26.78 -8.24
C THR I 10 -0.83 26.07 -7.97
N ALA I 11 -1.84 26.30 -8.82
CA ALA I 11 -3.10 25.59 -8.66
C ALA I 11 -2.89 24.09 -8.82
N GLY I 12 -2.14 23.69 -9.85
CA GLY I 12 -1.85 22.28 -10.03
C GLY I 12 -1.07 21.70 -8.85
N ALA I 13 -0.10 22.45 -8.34
CA ALA I 13 0.67 21.99 -7.20
C ALA I 13 -0.21 21.82 -5.97
N LEU I 14 -1.13 22.76 -5.74
CA LEU I 14 -2.04 22.65 -4.60
C LEU I 14 -2.94 21.43 -4.74
N ILE I 15 -3.47 21.19 -5.94
CA ILE I 15 -4.33 20.02 -6.13
C ILE I 15 -3.53 18.74 -5.93
N GLY I 16 -2.30 18.69 -6.45
CA GLY I 16 -1.47 17.51 -6.27
C GLY I 16 -1.11 17.27 -4.82
N GLY I 17 -0.78 18.34 -4.09
CA GLY I 17 -0.48 18.19 -2.68
C GLY I 17 -1.70 17.74 -1.89
N GLY I 18 -2.88 18.25 -2.25
CA GLY I 18 -4.08 17.79 -1.61
C GLY I 18 -4.33 16.31 -1.86
N LEU I 19 -4.09 15.85 -3.10
CA LEU I 19 -4.21 14.43 -3.40
C LEU I 19 -3.23 13.62 -2.57
N ILE I 20 -1.98 14.08 -2.49
CA ILE I 20 -0.97 13.36 -1.72
C ILE I 20 -1.41 13.24 -0.26
N MET I 21 -1.86 14.35 0.32
CA MET I 21 -2.21 14.34 1.73
C MET I 21 -3.46 13.49 1.97
N GLY I 22 -4.44 13.55 1.07
CA GLY I 22 -5.62 12.72 1.23
C GLY I 22 -5.29 11.24 1.17
N GLY I 23 -4.47 10.85 0.19
CA GLY I 23 -4.07 9.45 0.10
C GLY I 23 -3.27 9.01 1.30
N GLY I 24 -2.33 9.84 1.76
CA GLY I 24 -1.56 9.50 2.93
C GLY I 24 -2.44 9.37 4.17
N ALA I 25 -3.41 10.27 4.32
CA ALA I 25 -4.31 10.20 5.48
C ALA I 25 -5.13 8.92 5.43
N ILE I 26 -5.67 8.58 4.26
CA ILE I 26 -6.46 7.36 4.14
C ILE I 26 -5.61 6.16 4.51
N GLY I 27 -4.44 6.05 3.90
CA GLY I 27 -3.59 4.89 4.15
C GLY I 27 -3.18 4.79 5.61
N ALA I 28 -2.71 5.90 6.19
CA ALA I 28 -2.27 5.87 7.58
C ALA I 28 -3.43 5.53 8.51
N GLY I 29 -4.58 6.18 8.33
CA GLY I 29 -5.70 5.92 9.21
C GLY I 29 -6.15 4.48 9.16
N ILE I 30 -6.33 3.94 7.95
CA ILE I 30 -6.85 2.58 7.84
C ILE I 30 -5.81 1.56 8.31
N GLY I 31 -4.55 1.75 7.94
CA GLY I 31 -3.52 0.83 8.40
C GLY I 31 -3.35 0.83 9.90
N ASP I 32 -3.35 2.02 10.50
CA ASP I 32 -3.25 2.10 11.96
C ASP I 32 -4.48 1.49 12.62
N GLY I 33 -5.66 1.71 12.05
CA GLY I 33 -6.85 1.08 12.59
C GLY I 33 -6.78 -0.43 12.55
N ILE I 34 -6.30 -0.99 11.44
CA ILE I 34 -6.20 -2.44 11.32
C ILE I 34 -5.18 -3.00 12.29
N ALA I 35 -4.01 -2.34 12.39
CA ALA I 35 -2.99 -2.80 13.33
C ALA I 35 -3.49 -2.71 14.76
N GLY I 36 -4.18 -1.62 15.10
CA GLY I 36 -4.75 -1.50 16.44
C GLY I 36 -5.84 -2.50 16.71
N ASN I 37 -6.63 -2.86 15.68
CA ASN I 37 -7.60 -3.94 15.85
C ASN I 37 -6.90 -5.23 16.23
N ALA I 38 -5.82 -5.55 15.52
CA ALA I 38 -5.07 -6.75 15.86
C ALA I 38 -4.52 -6.66 17.28
N LEU I 39 -3.99 -5.50 17.65
CA LEU I 39 -3.41 -5.33 18.99
C LEU I 39 -4.48 -5.52 20.06
N ILE I 40 -5.65 -4.91 19.87
CA ILE I 40 -6.72 -5.00 20.86
C ILE I 40 -7.20 -6.43 20.98
N SER I 41 -7.38 -7.12 19.85
CA SER I 41 -7.81 -8.52 19.90
C SER I 41 -6.78 -9.38 20.60
N GLY I 42 -5.49 -9.15 20.33
CA GLY I 42 -4.46 -9.92 21.00
C GLY I 42 -4.42 -9.68 22.49
N ILE I 43 -4.54 -8.42 22.91
CA ILE I 43 -4.53 -8.11 24.33
C ILE I 43 -5.75 -8.72 25.01
N ALA I 44 -6.91 -8.68 24.36
CA ALA I 44 -8.09 -9.30 24.93
C ALA I 44 -7.91 -10.80 25.07
N ARG I 45 -7.34 -11.45 24.04
CA ARG I 45 -7.15 -12.90 24.08
C ARG I 45 -6.05 -13.28 25.07
N GLN I 46 -4.91 -12.59 25.01
CA GLN I 46 -3.74 -12.92 25.83
C GLN I 46 -3.26 -11.65 26.53
N PRO I 47 -3.84 -11.32 27.69
CA PRO I 47 -3.41 -10.10 28.39
C PRO I 47 -1.93 -10.08 28.71
N GLU I 48 -1.35 -11.23 29.07
CA GLU I 48 0.06 -11.28 29.46
C GLU I 48 1.00 -11.11 28.28
N ALA I 49 0.50 -11.17 27.04
CA ALA I 49 1.32 -10.94 25.86
C ALA I 49 1.34 -9.48 25.44
N GLN I 50 0.73 -8.59 26.23
CA GLN I 50 0.66 -7.17 25.88
C GLN I 50 2.00 -6.65 25.38
N GLY I 51 3.04 -6.72 26.21
CA GLY I 51 4.35 -6.25 25.79
C GLY I 51 4.82 -6.96 24.54
N ARG I 52 4.70 -8.29 24.51
CA ARG I 52 5.10 -9.04 23.33
C ARG I 52 4.37 -8.53 22.08
N LEU I 53 3.14 -8.07 22.22
CA LEU I 53 2.37 -7.60 21.07
C LEU I 53 2.73 -6.16 20.69
N PHE I 54 3.40 -5.42 21.56
CA PHE I 54 3.75 -4.04 21.24
C PHE I 54 4.92 -3.97 20.27
N THR I 55 5.82 -4.95 20.31
CA THR I 55 6.95 -4.94 19.37
C THR I 55 6.48 -5.02 17.92
N PRO I 56 5.64 -5.97 17.52
CA PRO I 56 5.16 -5.94 16.13
C PRO I 56 4.29 -4.73 15.83
N PHE I 57 3.41 -4.36 16.75
CA PHE I 57 2.50 -3.24 16.49
C PHE I 57 3.28 -1.99 16.12
N PHE I 58 4.22 -1.60 16.98
CA PHE I 58 5.00 -0.40 16.70
C PHE I 58 5.85 -0.53 15.44
N ILE I 59 6.15 -1.76 15.01
CA ILE I 59 6.78 -1.93 13.72
C ILE I 59 5.79 -1.59 12.61
N THR I 60 4.59 -2.18 12.67
CA THR I 60 3.59 -1.91 11.64
C THR I 60 3.31 -0.42 11.55
N VAL I 61 3.02 0.22 12.68
CA VAL I 61 2.80 1.66 12.70
C VAL I 61 4.00 2.36 12.08
N GLY I 62 5.20 1.96 12.49
CA GLY I 62 6.39 2.56 11.93
C GLY I 62 6.44 2.43 10.42
N LEU I 63 6.07 1.26 9.90
CA LEU I 63 6.03 1.09 8.46
C LEU I 63 4.89 1.87 7.83
N VAL I 64 3.76 2.01 8.54
CA VAL I 64 2.62 2.73 8.00
C VAL I 64 2.82 4.24 8.13
N GLU I 65 2.98 4.71 9.37
CA GLU I 65 3.12 6.14 9.61
C GLU I 65 4.21 6.74 8.73
N ALA I 66 5.33 6.02 8.58
CA ALA I 66 6.42 6.54 7.76
C ALA I 66 5.92 6.97 6.40
N ALA I 67 5.18 6.09 5.72
CA ALA I 67 4.65 6.44 4.41
C ALA I 67 3.90 7.75 4.48
N TYR I 68 2.96 7.86 5.43
CA TYR I 68 2.25 9.11 5.65
C TYR I 68 3.21 10.28 5.63
N PHE I 69 4.19 10.26 6.52
CA PHE I 69 5.08 11.40 6.65
C PHE I 69 5.85 11.63 5.35
N ILE I 70 6.26 10.57 4.69
CA ILE I 70 6.92 10.74 3.38
C ILE I 70 5.99 11.52 2.46
N ASN I 71 4.74 11.07 2.33
CA ASN I 71 3.77 11.82 1.56
C ASN I 71 3.73 13.26 2.03
N LEU I 72 3.62 13.46 3.35
CA LEU I 72 3.59 14.81 3.89
C LEU I 72 4.76 15.62 3.35
N ALA I 73 5.97 15.07 3.45
CA ALA I 73 7.13 15.80 2.98
C ALA I 73 6.94 16.22 1.52
N PHE I 74 6.57 15.27 0.67
CA PHE I 74 6.44 15.59 -0.74
C PHE I 74 5.33 16.61 -0.95
N MET I 75 4.26 16.54 -0.16
CA MET I 75 3.22 17.56 -0.27
C MET I 75 3.81 18.94 -0.03
N ALA I 76 4.64 19.08 1.00
CA ALA I 76 5.33 20.34 1.20
C ALA I 76 6.15 20.71 -0.02
N LEU I 77 6.89 19.74 -0.56
CA LEU I 77 7.68 19.99 -1.76
C LEU I 77 6.81 20.52 -2.88
N PHE I 78 5.54 20.11 -2.92
CA PHE I 78 4.64 20.58 -3.97
C PHE I 78 4.22 22.02 -3.72
N VAL I 79 3.95 22.37 -2.46
CA VAL I 79 3.33 23.66 -2.18
C VAL I 79 4.37 24.72 -1.87
N PHE I 80 5.44 24.35 -1.17
CA PHE I 80 6.45 25.32 -0.76
C PHE I 80 7.65 25.36 -1.68
N ALA I 81 7.92 24.29 -2.44
CA ALA I 81 9.07 24.21 -3.34
C ALA I 81 8.59 23.64 -4.67
N THR I 82 7.50 24.19 -5.18
CA THR I 82 6.85 23.67 -6.39
C THR I 82 7.87 23.42 -7.49
N PRO I 83 8.16 22.18 -7.84
CA PRO I 83 9.04 21.92 -8.99
C PRO I 83 8.41 22.42 -10.28
N GLY I 84 9.27 22.87 -11.19
CA GLY I 84 8.80 23.40 -12.46
C GLY I 84 8.23 24.79 -12.41
N LEU I 85 8.28 25.44 -11.24
CA LEU I 85 7.75 26.79 -11.12
C LEU I 85 8.51 27.74 -12.04
N GLN I 86 7.77 28.59 -12.74
CA GLN I 86 8.36 29.54 -13.68
C GLN I 86 8.54 30.91 -13.03
N ALA J 10 14.46 25.22 -2.90
CA ALA J 10 15.49 24.72 -3.79
C ALA J 10 15.92 23.31 -3.39
N ILE J 11 15.16 22.31 -3.86
CA ILE J 11 15.49 20.92 -3.53
C ILE J 11 16.76 20.50 -4.25
N HIS J 12 16.89 20.85 -5.53
CA HIS J 12 18.01 20.42 -6.35
C HIS J 12 18.06 18.89 -6.44
N VAL J 13 16.96 18.31 -6.93
CA VAL J 13 16.91 16.87 -7.13
C VAL J 13 17.85 16.48 -8.26
N GLY J 14 18.47 15.31 -8.12
CA GLY J 14 19.48 14.91 -9.09
C GLY J 14 20.72 15.77 -8.90
N HIS J 15 21.20 16.35 -10.00
CA HIS J 15 22.37 17.23 -9.97
C HIS J 15 23.56 16.52 -9.34
N HIS J 16 23.97 15.41 -9.97
CA HIS J 16 25.13 14.67 -9.49
C HIS J 16 26.40 15.50 -9.61
N THR J 17 27.25 15.40 -8.60
CA THR J 17 28.55 16.06 -8.61
C THR J 17 29.64 15.07 -9.02
N LEU J 18 30.82 15.61 -9.31
CA LEU J 18 31.98 14.81 -9.69
C LEU J 18 31.75 14.04 -10.99
N VAL J 19 30.76 14.44 -11.78
CA VAL J 19 30.50 13.76 -13.04
C VAL J 19 31.70 13.92 -13.96
N PHE J 20 32.10 12.83 -14.61
CA PHE J 20 33.22 12.85 -15.53
C PHE J 20 32.90 12.00 -16.75
N GLU J 21 33.78 12.08 -17.75
CA GLU J 21 33.61 11.41 -19.03
C GLU J 21 34.74 10.42 -19.23
N LEU J 22 34.42 9.27 -19.82
CA LEU J 22 35.41 8.23 -20.06
C LEU J 22 34.90 7.20 -21.04
N PHE J 23 35.70 6.88 -22.06
CA PHE J 23 35.32 5.90 -23.08
C PHE J 23 34.01 6.28 -23.76
N GLY J 24 33.76 7.58 -23.90
CA GLY J 24 32.50 8.03 -24.46
C GLY J 24 31.30 7.69 -23.61
N MET J 25 31.46 7.70 -22.29
CA MET J 25 30.38 7.41 -21.36
C MET J 25 30.49 8.34 -20.17
N THR J 26 29.33 8.67 -19.59
CA THR J 26 29.28 9.56 -18.43
C THR J 26 29.23 8.74 -17.15
N PHE J 27 30.02 9.17 -16.16
CA PHE J 27 30.08 8.51 -14.87
C PHE J 27 29.80 9.55 -13.78
N ASN J 28 28.89 9.19 -12.87
CA ASN J 28 28.54 10.06 -11.74
C ASN J 28 29.55 9.83 -10.64
N GLY J 29 30.48 10.78 -10.49
CA GLY J 29 31.57 10.58 -9.56
C GLY J 29 31.11 10.40 -8.13
N ASP J 30 30.05 11.09 -7.74
CA ASP J 30 29.55 10.97 -6.37
C ASP J 30 29.10 9.56 -6.06
N THR J 31 28.36 8.94 -6.98
CA THR J 31 27.91 7.56 -6.76
C THR J 31 29.09 6.60 -6.68
N ILE J 32 30.07 6.77 -7.57
CA ILE J 32 31.25 5.90 -7.53
C ILE J 32 31.98 6.07 -6.20
N LEU J 33 32.12 7.31 -5.73
CA LEU J 33 32.82 7.54 -4.47
C LEU J 33 32.07 6.91 -3.30
N ALA J 34 30.74 7.06 -3.27
CA ALA J 34 29.97 6.46 -2.19
C ALA J 34 30.07 4.95 -2.21
N THR J 35 29.97 4.34 -3.40
CA THR J 35 30.09 2.90 -3.51
C THR J 35 31.48 2.44 -3.09
N ALA J 36 32.51 3.20 -3.46
CA ALA J 36 33.88 2.85 -3.08
C ALA J 36 34.06 2.92 -1.57
N VAL J 37 33.48 3.94 -0.93
CA VAL J 37 33.58 4.04 0.53
C VAL J 37 32.88 2.87 1.19
N THR J 38 31.68 2.51 0.70
CA THR J 38 30.98 1.36 1.26
C THR J 38 31.78 0.08 1.08
N ALA J 39 32.36 -0.11 -0.11
CA ALA J 39 33.16 -1.30 -0.36
C ALA J 39 34.40 -1.33 0.53
N VAL J 40 35.02 -0.17 0.74
CA VAL J 40 36.18 -0.11 1.62
C VAL J 40 35.80 -0.50 3.04
N ILE J 41 34.66 0.00 3.53
CA ILE J 41 34.21 -0.36 4.88
C ILE J 41 33.97 -1.86 4.96
N VAL J 42 33.28 -2.41 3.96
CA VAL J 42 32.95 -3.84 4.00
C VAL J 42 34.21 -4.68 3.95
N ILE J 43 35.16 -4.31 3.10
CA ILE J 43 36.39 -5.08 2.95
C ILE J 43 37.23 -4.97 4.22
N ALA J 44 37.26 -3.79 4.85
CA ALA J 44 37.98 -3.64 6.10
C ALA J 44 37.38 -4.53 7.18
N LEU J 45 36.04 -4.58 7.25
CA LEU J 45 35.41 -5.49 8.22
C LEU J 45 35.73 -6.94 7.90
N ALA J 46 35.71 -7.30 6.61
CA ALA J 46 36.00 -8.67 6.23
C ALA J 46 37.42 -9.08 6.61
N PHE J 47 38.39 -8.21 6.37
CA PHE J 47 39.77 -8.56 6.70
C PHE J 47 40.02 -8.48 8.21
N TYR J 48 39.33 -7.61 8.92
CA TYR J 48 39.41 -7.64 10.38
C TYR J 48 38.88 -8.95 10.92
N LEU J 49 37.78 -9.46 10.35
CA LEU J 49 37.30 -10.79 10.69
C LEU J 49 38.37 -11.84 10.40
N ARG J 50 38.90 -11.83 9.17
CA ARG J 50 39.91 -12.81 8.79
C ARG J 50 41.09 -12.79 9.74
N ALA J 51 41.43 -11.62 10.28
CA ALA J 51 42.50 -11.54 11.26
C ALA J 51 42.08 -12.09 12.61
N LYS J 52 40.85 -11.80 13.04
CA LYS J 52 40.39 -12.14 14.38
C LYS J 52 39.41 -13.31 14.41
N VAL J 53 39.32 -14.09 13.34
CA VAL J 53 38.42 -15.25 13.32
C VAL J 53 39.05 -16.38 14.12
N THR J 54 38.28 -16.94 15.06
CA THR J 54 38.76 -18.02 15.90
C THR J 54 37.63 -18.98 16.20
N SER J 55 37.88 -20.28 16.01
CA SER J 55 36.91 -21.32 16.35
C SER J 55 37.13 -21.91 17.74
N THR J 56 38.24 -21.58 18.40
CA THR J 56 38.59 -22.11 19.71
C THR J 56 38.80 -20.98 20.71
N GLY J 57 37.91 -20.00 20.70
CA GLY J 57 38.00 -18.89 21.63
C GLY J 57 36.72 -18.10 21.61
N VAL J 58 36.62 -17.15 22.54
CA VAL J 58 35.45 -16.30 22.65
C VAL J 58 35.39 -15.42 21.41
N PRO J 59 34.30 -15.45 20.64
CA PRO J 59 34.27 -14.67 19.40
C PRO J 59 34.29 -13.18 19.67
N SER J 60 34.91 -12.43 18.76
CA SER J 60 34.92 -10.98 18.83
C SER J 60 33.62 -10.42 18.27
N GLY J 61 33.43 -9.11 18.45
CA GLY J 61 32.21 -8.48 17.97
C GLY J 61 32.02 -8.63 16.49
N VAL J 62 33.08 -8.41 15.71
CA VAL J 62 32.98 -8.51 14.25
C VAL J 62 32.66 -9.95 13.85
N GLN J 63 33.30 -10.93 14.50
CA GLN J 63 33.00 -12.32 14.21
C GLN J 63 31.55 -12.64 14.55
N LEU J 64 31.06 -12.12 15.68
CA LEU J 64 29.66 -12.36 16.04
C LEU J 64 28.72 -11.79 15.00
N PHE J 65 29.00 -10.57 14.52
CA PHE J 65 28.15 -9.95 13.51
C PHE J 65 28.17 -10.75 12.21
N TRP J 66 29.37 -11.11 11.75
CA TRP J 66 29.46 -11.85 10.49
C TRP J 66 28.79 -13.21 10.59
N GLU J 67 28.98 -13.91 11.71
CA GLU J 67 28.36 -15.22 11.85
C GLU J 67 26.86 -15.11 12.06
N ALA J 68 26.38 -14.02 12.65
CA ALA J 68 24.94 -13.80 12.74
C ALA J 68 24.34 -13.64 11.34
N LEU J 69 24.98 -12.82 10.50
CA LEU J 69 24.50 -12.68 9.13
C LEU J 69 24.53 -14.01 8.40
N THR J 70 25.64 -14.74 8.53
CA THR J 70 25.76 -16.01 7.83
C THR J 70 24.72 -17.00 8.30
N ILE J 71 24.48 -17.06 9.62
CA ILE J 71 23.49 -17.99 10.15
C ILE J 71 22.09 -17.62 9.65
N GLN J 72 21.76 -16.33 9.67
CA GLN J 72 20.45 -15.91 9.18
C GLN J 72 20.26 -16.30 7.72
N MET J 73 21.25 -16.00 6.88
CA MET J 73 21.11 -16.28 5.45
C MET J 73 21.07 -17.78 5.19
N ARG J 74 21.89 -18.55 5.90
CA ARG J 74 21.89 -19.99 5.74
C ARG J 74 20.56 -20.58 6.18
N GLN J 75 19.98 -20.07 7.26
CA GLN J 75 18.67 -20.53 7.68
C GLN J 75 17.63 -20.24 6.60
N GLN J 76 17.70 -19.05 6.02
CA GLN J 76 16.77 -18.72 4.94
C GLN J 76 16.92 -19.68 3.77
N ILE J 77 18.16 -19.97 3.39
CA ILE J 77 18.38 -20.88 2.25
C ILE J 77 17.85 -22.27 2.58
N GLU J 78 18.23 -22.82 3.73
CA GLU J 78 17.72 -24.13 4.14
C GLU J 78 16.19 -24.16 4.10
N GLY J 79 15.55 -23.11 4.62
CA GLY J 79 14.10 -23.05 4.57
C GLY J 79 13.57 -23.08 3.15
N SER J 80 14.24 -22.36 2.23
CA SER J 80 13.73 -22.27 0.86
C SER J 80 14.28 -23.40 0.00
N ILE J 81 15.61 -23.48 -0.16
CA ILE J 81 16.23 -24.49 -0.99
C ILE J 81 17.49 -24.98 -0.29
N GLY J 82 17.70 -26.29 -0.31
CA GLY J 82 18.80 -26.87 0.45
C GLY J 82 20.11 -26.18 0.15
N MET J 83 20.92 -26.00 1.21
CA MET J 83 22.25 -25.42 1.03
C MET J 83 23.12 -26.28 0.14
N LYS J 84 22.84 -27.57 0.07
CA LYS J 84 23.57 -28.45 -0.83
C LYS J 84 23.31 -28.06 -2.29
N ILE J 85 22.07 -27.71 -2.61
CA ILE J 85 21.73 -27.37 -3.99
C ILE J 85 22.35 -26.03 -4.38
N ALA J 86 22.26 -25.03 -3.49
CA ALA J 86 22.67 -23.66 -3.82
C ALA J 86 23.58 -23.12 -2.73
N PRO J 87 24.87 -23.48 -2.76
CA PRO J 87 25.80 -22.92 -1.78
C PRO J 87 26.14 -21.45 -2.04
N PHE J 88 26.29 -21.08 -3.31
CA PHE J 88 26.74 -19.73 -3.66
C PHE J 88 25.73 -18.67 -3.23
N VAL J 89 24.46 -19.04 -3.12
CA VAL J 89 23.44 -18.07 -2.73
C VAL J 89 23.76 -17.46 -1.38
N LEU J 90 24.40 -18.23 -0.49
CA LEU J 90 24.75 -17.69 0.82
C LEU J 90 25.73 -16.54 0.70
N PRO J 91 26.90 -16.69 0.07
CA PRO J 91 27.78 -15.52 -0.11
C PRO J 91 27.12 -14.40 -0.89
N LEU J 92 26.34 -14.71 -1.92
CA LEU J 92 25.71 -13.64 -2.69
C LEU J 92 24.78 -12.81 -1.82
N SER J 93 23.92 -13.48 -1.04
CA SER J 93 22.96 -12.78 -0.20
C SER J 93 23.66 -12.02 0.93
N VAL J 94 24.70 -12.62 1.51
CA VAL J 94 25.42 -11.91 2.57
C VAL J 94 26.07 -10.65 2.01
N THR J 95 26.68 -10.76 0.84
CA THR J 95 27.28 -9.58 0.21
C THR J 95 26.23 -8.51 -0.06
N ILE J 96 25.10 -8.90 -0.65
CA ILE J 96 24.06 -7.93 -0.97
C ILE J 96 23.60 -7.23 0.30
N PHE J 97 23.30 -8.01 1.35
CA PHE J 97 22.78 -7.44 2.58
C PHE J 97 23.77 -6.47 3.19
N VAL J 98 25.02 -6.91 3.36
CA VAL J 98 25.99 -6.06 4.04
C VAL J 98 26.26 -4.80 3.22
N PHE J 99 26.37 -4.94 1.89
CA PHE J 99 26.61 -3.80 1.04
C PHE J 99 25.50 -2.77 1.18
N ILE J 100 24.25 -3.20 1.02
CA ILE J 100 23.13 -2.26 1.09
C ILE J 100 23.05 -1.65 2.47
N LEU J 101 23.22 -2.46 3.52
CA LEU J 101 23.09 -1.96 4.88
C LEU J 101 24.14 -0.89 5.17
N ILE J 102 25.39 -1.14 4.81
CA ILE J 102 26.44 -0.16 5.08
C ILE J 102 26.21 1.09 4.25
N SER J 103 25.84 0.93 2.98
CA SER J 103 25.62 2.10 2.13
C SER J 103 24.50 2.97 2.68
N ASN J 104 23.43 2.35 3.18
CA ASN J 104 22.31 3.12 3.70
C ASN J 104 22.65 3.75 5.05
N TRP J 105 23.33 3.01 5.93
CA TRP J 105 23.62 3.52 7.25
C TRP J 105 24.69 4.61 7.25
N LEU J 106 25.56 4.63 6.23
CA LEU J 106 26.53 5.72 6.14
C LEU J 106 25.86 7.07 5.96
N ALA J 107 24.59 7.09 5.56
CA ALA J 107 23.88 8.35 5.37
C ALA J 107 23.48 9.00 6.69
N VAL J 108 23.61 8.31 7.82
CA VAL J 108 23.27 8.91 9.10
C VAL J 108 24.32 9.90 9.57
N LEU J 109 25.54 9.81 9.04
CA LEU J 109 26.60 10.69 9.50
C LEU J 109 26.27 12.14 9.16
N PRO J 110 26.76 13.10 9.95
CA PRO J 110 26.42 14.51 9.71
C PRO J 110 27.31 15.15 8.65
N LEU J 111 27.00 14.87 7.38
CA LEU J 111 27.79 15.35 6.25
C LEU J 111 26.95 16.24 5.33
N GLN J 112 25.89 16.84 5.84
CA GLN J 112 25.05 17.76 5.07
C GLN J 112 25.36 19.19 5.51
N TYR J 113 25.47 20.09 4.53
CA TYR J 113 25.84 21.47 4.79
C TYR J 113 25.06 22.38 3.84
N GLY J 114 25.30 23.68 3.95
CA GLY J 114 24.65 24.65 3.08
C GLY J 114 25.46 24.87 1.81
N GLY J 115 24.75 24.92 0.68
CA GLY J 115 25.37 25.02 -0.62
C GLY J 115 25.76 26.41 -1.06
N ALA J 116 25.72 27.40 -0.16
CA ALA J 116 26.10 28.77 -0.47
C ALA J 116 25.03 29.47 -1.30
N ASP J 117 23.97 28.74 -1.66
CA ASP J 117 22.83 29.31 -2.38
C ASP J 117 21.52 29.02 -1.67
N GLY J 118 21.57 28.60 -0.41
CA GLY J 118 20.39 28.24 0.34
C GLY J 118 19.93 26.82 0.16
N ALA J 119 20.59 26.04 -0.70
CA ALA J 119 20.22 24.66 -0.95
C ALA J 119 21.16 23.73 -0.21
N ALA J 120 20.61 22.68 0.40
CA ALA J 120 21.42 21.71 1.11
C ALA J 120 22.27 20.89 0.15
N ALA J 121 23.48 20.57 0.58
CA ALA J 121 24.39 19.73 -0.18
C ALA J 121 24.95 18.65 0.74
N GLU J 122 25.00 17.42 0.22
CA GLU J 122 25.47 16.28 0.98
C GLU J 122 26.82 15.83 0.43
N LEU J 123 27.81 15.73 1.32
CA LEU J 123 29.10 15.19 0.91
C LEU J 123 28.98 13.73 0.52
N TYR J 124 28.19 12.96 1.26
CA TYR J 124 27.96 11.55 0.99
C TYR J 124 26.46 11.31 0.87
N LYS J 125 26.02 10.93 -0.33
CA LYS J 125 24.66 10.50 -0.57
C LYS J 125 24.63 8.98 -0.70
N ALA J 126 23.60 8.36 -0.16
CA ALA J 126 23.48 6.91 -0.25
C ALA J 126 23.49 6.50 -1.71
N PRO J 127 24.39 5.60 -2.13
CA PRO J 127 24.46 5.25 -3.56
C PRO J 127 23.17 4.64 -4.10
N ALA J 128 22.36 4.02 -3.23
CA ALA J 128 21.09 3.47 -3.68
C ALA J 128 20.13 4.54 -4.17
N SER J 129 20.38 5.81 -3.85
CA SER J 129 19.60 6.90 -4.39
C SER J 129 19.86 7.13 -5.88
N ASP J 130 20.88 6.49 -6.43
CA ASP J 130 21.20 6.59 -7.85
C ASP J 130 20.64 5.37 -8.57
N ILE J 131 19.95 5.61 -9.69
CA ILE J 131 19.31 4.52 -10.42
C ILE J 131 20.36 3.50 -10.88
N ASN J 132 21.59 3.95 -11.13
CA ASN J 132 22.61 3.04 -11.62
C ASN J 132 22.95 1.98 -10.58
N PHE J 133 23.04 2.35 -9.31
CA PHE J 133 23.40 1.41 -8.27
C PHE J 133 22.34 0.31 -8.15
N VAL J 134 21.07 0.71 -8.02
CA VAL J 134 20.00 -0.27 -7.88
C VAL J 134 19.89 -1.12 -9.14
N LEU J 135 20.08 -0.51 -10.31
CA LEU J 135 20.01 -1.27 -11.54
C LEU J 135 21.11 -2.32 -11.60
N ALA J 136 22.34 -1.94 -11.20
CA ALA J 136 23.43 -2.90 -11.18
C ALA J 136 23.10 -4.06 -10.26
N LEU J 137 22.67 -3.76 -9.03
CA LEU J 137 22.37 -4.84 -8.08
C LEU J 137 21.27 -5.75 -8.61
N ALA J 138 20.15 -5.16 -9.02
CA ALA J 138 19.00 -5.95 -9.46
C ALA J 138 19.32 -6.76 -10.70
N LEU J 139 20.01 -6.17 -11.68
CA LEU J 139 20.33 -6.91 -12.89
C LEU J 139 21.33 -8.02 -12.62
N PHE J 140 22.29 -7.79 -11.72
CA PHE J 140 23.22 -8.86 -11.36
C PHE J 140 22.46 -10.02 -10.72
N VAL J 141 21.55 -9.72 -9.81
CA VAL J 141 20.76 -10.79 -9.18
C VAL J 141 19.91 -11.51 -10.23
N PHE J 142 19.31 -10.73 -11.14
CA PHE J 142 18.48 -11.30 -12.20
C PHE J 142 19.28 -12.29 -13.04
N VAL J 143 20.44 -11.86 -13.54
CA VAL J 143 21.25 -12.73 -14.38
C VAL J 143 21.74 -13.93 -13.57
N CYS J 144 22.11 -13.72 -12.32
CA CYS J 144 22.66 -14.80 -11.52
C CYS J 144 21.61 -15.91 -11.31
N TYR J 145 20.40 -15.54 -10.89
CA TYR J 145 19.43 -16.59 -10.63
C TYR J 145 18.87 -17.19 -11.93
N HIS J 146 18.82 -16.43 -13.02
CA HIS J 146 18.45 -17.05 -14.29
C HIS J 146 19.52 -18.03 -14.76
N ALA J 147 20.79 -17.71 -14.56
CA ALA J 147 21.85 -18.65 -14.89
C ALA J 147 21.78 -19.90 -14.01
N ALA J 148 21.47 -19.72 -12.73
CA ALA J 148 21.30 -20.88 -11.85
C ALA J 148 20.14 -21.75 -12.33
N GLY J 149 19.03 -21.11 -12.73
CA GLY J 149 17.92 -21.88 -13.27
C GLY J 149 18.29 -22.63 -14.54
N ILE J 150 19.06 -21.99 -15.42
CA ILE J 150 19.51 -22.67 -16.63
C ILE J 150 20.38 -23.86 -16.27
N TRP J 151 21.30 -23.68 -15.32
CA TRP J 151 22.17 -24.77 -14.90
C TRP J 151 21.38 -25.94 -14.35
N ARG J 152 20.37 -25.66 -13.52
CA ARG J 152 19.63 -26.74 -12.88
C ARG J 152 18.67 -27.42 -13.85
N ARG J 153 18.09 -26.66 -14.78
CA ARG J 153 17.04 -27.17 -15.66
C ARG J 153 17.51 -27.38 -17.09
N GLY J 154 18.65 -26.83 -17.48
CA GLY J 154 19.08 -26.86 -18.86
C GLY J 154 18.69 -25.60 -19.61
N ILE J 155 19.38 -25.37 -20.73
CA ILE J 155 19.16 -24.14 -21.49
C ILE J 155 17.75 -24.10 -22.06
N VAL J 156 17.23 -25.26 -22.48
CA VAL J 156 15.88 -25.29 -23.04
C VAL J 156 14.84 -25.51 -21.95
N GLY J 157 15.16 -26.31 -20.95
CA GLY J 157 14.19 -26.61 -19.91
C GLY J 157 13.84 -25.40 -19.06
N HIS J 158 14.83 -24.59 -18.71
CA HIS J 158 14.59 -23.47 -17.80
C HIS J 158 13.57 -22.49 -18.36
N PRO J 159 13.74 -21.93 -19.55
CA PRO J 159 12.72 -21.00 -20.06
C PRO J 159 11.34 -21.61 -20.14
N ILE J 160 11.25 -22.89 -20.50
CA ILE J 160 9.96 -23.57 -20.53
C ILE J 160 9.34 -23.56 -19.14
N LYS J 161 10.14 -23.87 -18.12
CA LYS J 161 9.59 -23.96 -16.77
C LYS J 161 9.18 -22.58 -16.25
N VAL J 162 9.96 -21.54 -16.53
CA VAL J 162 9.60 -20.21 -16.04
C VAL J 162 8.35 -19.70 -16.76
N VAL J 163 8.24 -19.97 -18.07
CA VAL J 163 7.04 -19.56 -18.79
C VAL J 163 5.82 -20.31 -18.26
N LYS J 164 5.94 -21.62 -18.08
CA LYS J 164 4.81 -22.41 -17.60
C LYS J 164 4.41 -22.01 -16.19
N GLY J 165 5.38 -21.90 -15.29
CA GLY J 165 5.05 -21.62 -13.91
C GLY J 165 4.38 -22.81 -13.25
N HIS J 166 3.75 -22.54 -12.10
CA HIS J 166 3.07 -23.60 -11.37
C HIS J 166 1.83 -24.07 -12.11
N VAL J 167 1.14 -23.16 -12.79
CA VAL J 167 -0.02 -23.48 -13.62
C VAL J 167 0.28 -23.04 -15.05
N ALA J 168 0.07 -23.93 -16.01
CA ALA J 168 0.54 -23.69 -17.36
C ALA J 168 -0.28 -22.63 -18.07
N PHE J 169 -1.60 -22.69 -17.94
CA PHE J 169 -2.45 -21.82 -18.74
C PHE J 169 -2.34 -20.35 -18.34
N LEU J 170 -1.65 -20.05 -17.24
CA LEU J 170 -1.32 -18.67 -16.89
C LEU J 170 0.04 -18.25 -17.44
N ALA J 171 0.46 -18.83 -18.56
CA ALA J 171 1.77 -18.51 -19.12
C ALA J 171 1.99 -17.02 -19.33
N PRO J 172 1.03 -16.25 -19.85
CA PRO J 172 1.26 -14.80 -19.98
C PRO J 172 1.64 -14.15 -18.66
N ILE J 173 0.82 -14.36 -17.62
CA ILE J 173 1.10 -13.74 -16.33
C ILE J 173 2.50 -14.08 -15.87
N ASN J 174 2.84 -15.36 -15.94
CA ASN J 174 4.18 -15.79 -15.52
C ASN J 174 5.24 -14.95 -16.19
N ILE J 175 5.11 -14.73 -17.50
CA ILE J 175 6.11 -13.94 -18.22
C ILE J 175 6.26 -12.58 -17.57
N VAL J 176 5.12 -11.89 -17.36
CA VAL J 176 5.17 -10.59 -16.71
C VAL J 176 5.85 -10.70 -15.35
N GLU J 177 5.51 -11.75 -14.59
CA GLU J 177 6.12 -11.92 -13.28
C GLU J 177 7.64 -11.96 -13.41
N GLU J 178 8.15 -12.65 -14.42
CA GLU J 178 9.60 -12.73 -14.59
C GLU J 178 10.19 -11.35 -14.83
N LEU J 179 9.50 -10.52 -15.59
CA LEU J 179 9.95 -9.14 -15.78
C LEU J 179 9.67 -8.27 -14.56
N ALA J 180 8.71 -8.66 -13.72
CA ALA J 180 8.41 -7.88 -12.53
C ALA J 180 9.47 -8.06 -11.45
N LYS J 181 10.14 -9.21 -11.40
CA LYS J 181 11.13 -9.44 -10.36
C LYS J 181 12.26 -8.42 -10.39
N PRO J 182 12.99 -8.23 -11.48
CA PRO J 182 14.12 -7.28 -11.45
C PRO J 182 13.68 -5.87 -11.13
N ILE J 183 12.69 -5.35 -11.85
CA ILE J 183 12.27 -3.97 -11.65
C ILE J 183 11.91 -3.73 -10.20
N SER J 184 11.05 -4.59 -9.64
CA SER J 184 10.64 -4.44 -8.25
C SER J 184 11.84 -4.48 -7.30
N LEU J 185 12.85 -5.30 -7.61
CA LEU J 185 14.04 -5.31 -6.77
C LEU J 185 14.73 -3.95 -6.79
N ALA J 186 14.82 -3.32 -7.96
CA ALA J 186 15.58 -2.08 -8.06
C ALA J 186 14.76 -0.90 -7.55
N LEU J 187 13.68 -0.57 -8.26
CA LEU J 187 12.95 0.67 -7.97
C LEU J 187 12.61 0.76 -6.50
N ARG J 188 12.01 -0.30 -5.94
CA ARG J 188 11.69 -0.31 -4.52
C ARG J 188 12.84 0.28 -3.71
N LEU J 189 13.98 -0.41 -3.73
CA LEU J 189 15.14 0.08 -3.02
C LEU J 189 15.37 1.55 -3.35
N PHE J 190 15.60 1.84 -4.63
CA PHE J 190 15.82 3.21 -5.08
C PHE J 190 14.80 4.13 -4.43
N GLY J 191 13.52 3.82 -4.62
CA GLY J 191 12.47 4.70 -4.13
C GLY J 191 12.68 5.00 -2.67
N ASN J 192 12.77 3.95 -1.85
CA ASN J 192 12.79 4.18 -0.41
C ASN J 192 14.04 4.92 0.01
N ILE J 193 15.12 4.84 -0.78
CA ILE J 193 16.28 5.67 -0.49
C ILE J 193 16.11 7.05 -1.10
N PHE J 194 15.65 7.12 -2.35
CA PHE J 194 15.50 8.40 -3.02
C PHE J 194 14.61 9.33 -2.21
N ALA J 195 13.44 8.84 -1.80
CA ALA J 195 12.55 9.63 -0.95
C ALA J 195 13.29 10.16 0.26
N GLY J 196 14.07 9.30 0.92
CA GLY J 196 14.82 9.75 2.07
C GLY J 196 15.71 10.94 1.75
N GLY J 197 16.41 10.86 0.62
CA GLY J 197 17.26 11.97 0.22
C GLY J 197 16.49 13.27 0.12
N ILE J 198 15.26 13.21 -0.38
CA ILE J 198 14.42 14.40 -0.43
C ILE J 198 14.12 14.88 0.99
N LEU J 199 13.70 13.96 1.86
CA LEU J 199 13.27 14.34 3.21
C LEU J 199 14.32 15.22 3.88
N VAL J 200 15.55 14.73 3.98
CA VAL J 200 16.60 15.50 4.65
C VAL J 200 16.72 16.87 3.99
N ALA J 201 16.74 16.91 2.66
CA ALA J 201 16.84 18.18 1.96
C ALA J 201 15.71 19.11 2.39
N LEU J 202 14.48 18.61 2.41
CA LEU J 202 13.36 19.43 2.86
C LEU J 202 13.57 19.88 4.30
N ILE J 203 14.02 18.96 5.15
CA ILE J 203 14.26 19.32 6.55
C ILE J 203 15.32 20.39 6.65
N ALA J 204 16.20 20.49 5.64
CA ALA J 204 17.24 21.51 5.66
C ALA J 204 16.70 22.91 5.42
N MET J 205 15.44 23.05 5.03
CA MET J 205 14.86 24.38 4.84
C MET J 205 14.47 25.04 6.15
N PHE J 206 14.33 24.27 7.23
CA PHE J 206 14.00 24.84 8.52
C PHE J 206 15.20 25.62 9.06
N PRO J 207 14.98 26.53 10.00
CA PRO J 207 16.10 27.18 10.68
C PRO J 207 16.88 26.17 11.50
N TRP J 208 18.16 26.48 11.72
CA TRP J 208 19.03 25.55 12.44
C TRP J 208 18.46 25.18 13.80
N TYR J 209 17.75 26.10 14.45
CA TYR J 209 17.18 25.82 15.77
C TYR J 209 15.93 24.95 15.70
N ILE J 210 15.36 24.73 14.51
CA ILE J 210 14.24 23.82 14.34
C ILE J 210 14.61 22.59 13.51
N GLN J 211 15.62 22.69 12.65
CA GLN J 211 15.94 21.58 11.74
C GLN J 211 16.38 20.34 12.49
N TRP J 212 16.98 20.51 13.68
CA TRP J 212 17.59 19.38 14.36
C TRP J 212 16.56 18.31 14.74
N PHE J 213 15.38 18.73 15.22
CA PHE J 213 14.42 17.74 15.72
C PHE J 213 13.85 16.89 14.60
N PRO J 214 13.23 17.46 13.55
CA PRO J 214 12.76 16.59 12.46
C PRO J 214 13.87 15.79 11.82
N ASN J 215 15.05 16.39 11.66
CA ASN J 215 16.19 15.67 11.09
C ASN J 215 16.56 14.48 11.96
N ALA J 216 16.64 14.69 13.27
CA ALA J 216 17.00 13.61 14.18
C ALA J 216 15.97 12.48 14.10
N VAL J 217 14.69 12.83 14.15
CA VAL J 217 13.65 11.80 14.12
C VAL J 217 13.72 11.03 12.81
N TRP J 218 13.80 11.74 11.68
CA TRP J 218 13.78 11.08 10.39
C TRP J 218 14.99 10.17 10.21
N LYS J 219 16.16 10.63 10.62
CA LYS J 219 17.36 9.80 10.43
C LYS J 219 17.37 8.61 11.39
N THR J 220 16.88 8.79 12.61
CA THR J 220 16.76 7.66 13.52
C THR J 220 15.85 6.60 12.93
N PHE J 221 14.73 7.01 12.32
CA PHE J 221 13.87 6.03 11.68
C PHE J 221 14.50 5.48 10.40
N ASP J 222 15.28 6.29 9.69
CA ASP J 222 15.88 5.86 8.44
C ASP J 222 16.92 4.78 8.68
N LEU J 223 17.55 4.77 9.84
CA LEU J 223 18.42 3.64 10.18
C LEU J 223 17.67 2.32 10.08
N PHE J 224 16.52 2.24 10.76
CA PHE J 224 15.71 1.03 10.71
C PHE J 224 15.19 0.77 9.31
N VAL J 225 14.81 1.83 8.59
CA VAL J 225 14.31 1.67 7.23
C VAL J 225 15.36 1.03 6.34
N GLY J 226 16.60 1.51 6.43
CA GLY J 226 17.67 0.95 5.63
C GLY J 226 17.97 -0.49 6.01
N LEU J 227 17.98 -0.79 7.31
CA LEU J 227 18.16 -2.17 7.73
C LEU J 227 17.09 -3.08 7.14
N ILE J 228 15.83 -2.64 7.20
CA ILE J 228 14.72 -3.43 6.69
C ILE J 228 14.86 -3.61 5.18
N GLN J 229 15.24 -2.55 4.46
CA GLN J 229 15.39 -2.66 3.02
C GLN J 229 16.50 -3.63 2.63
N ALA J 230 17.63 -3.57 3.33
CA ALA J 230 18.70 -4.51 3.05
C ALA J 230 18.24 -5.95 3.29
N PHE J 231 17.57 -6.18 4.42
CA PHE J 231 17.08 -7.52 4.72
C PHE J 231 16.09 -7.99 3.66
N ILE J 232 15.18 -7.11 3.24
CA ILE J 232 14.19 -7.48 2.24
C ILE J 232 14.85 -7.81 0.91
N PHE J 233 15.83 -7.01 0.50
CA PHE J 233 16.54 -7.28 -0.75
C PHE J 233 17.20 -8.64 -0.69
N SER J 234 17.92 -8.93 0.40
CA SER J 234 18.59 -10.22 0.50
C SER J 234 17.60 -11.38 0.50
N LEU J 235 16.51 -11.24 1.26
CA LEU J 235 15.53 -12.32 1.36
C LEU J 235 14.84 -12.56 0.03
N LEU J 236 14.47 -11.49 -0.67
CA LEU J 236 13.84 -11.65 -1.98
C LEU J 236 14.80 -12.28 -2.97
N THR J 237 16.08 -11.90 -2.92
CA THR J 237 17.07 -12.57 -3.76
C THR J 237 17.12 -14.05 -3.47
N ILE J 238 17.13 -14.41 -2.18
CA ILE J 238 17.23 -15.82 -1.80
C ILE J 238 16.03 -16.60 -2.33
N LEU J 239 14.82 -16.06 -2.16
CA LEU J 239 13.65 -16.82 -2.58
C LEU J 239 13.47 -16.81 -4.09
N TYR J 240 13.95 -15.77 -4.78
CA TYR J 240 13.99 -15.81 -6.24
C TYR J 240 14.94 -16.92 -6.72
N PHE J 241 16.10 -17.04 -6.07
CA PHE J 241 16.99 -18.14 -6.39
C PHE J 241 16.31 -19.48 -6.14
N SER J 242 15.58 -19.60 -5.03
CA SER J 242 14.89 -20.85 -4.73
C SER J 242 13.85 -21.18 -5.80
N GLN J 243 13.10 -20.17 -6.25
CA GLN J 243 12.12 -20.40 -7.30
C GLN J 243 12.79 -20.80 -8.61
N SER J 244 13.89 -20.13 -8.96
CA SER J 244 14.57 -20.44 -10.22
C SER J 244 15.14 -21.86 -10.21
N MET J 245 15.70 -22.29 -9.08
CA MET J 245 16.31 -23.62 -8.96
C MET J 245 15.32 -24.53 -8.24
N GLU J 246 14.65 -25.39 -9.00
CA GLU J 246 13.75 -26.40 -8.44
C GLU J 246 13.32 -27.33 -9.55
N LEU J 247 13.11 -28.59 -9.19
CA LEU J 247 12.73 -29.62 -10.15
C LEU J 247 13.77 -29.71 -11.27
N SER K 22 19.81 16.02 -18.25
CA SER K 22 18.75 15.93 -17.26
C SER K 22 18.32 14.48 -17.06
N ASN K 23 17.13 14.28 -16.49
CA ASN K 23 16.57 12.95 -16.28
C ASN K 23 17.54 12.06 -15.51
N PHE K 24 17.76 12.46 -14.26
CA PHE K 24 18.65 11.73 -13.35
C PHE K 24 18.33 10.24 -13.32
N LEU K 25 17.10 9.87 -13.69
CA LEU K 25 16.68 8.48 -13.66
C LEU K 25 17.20 7.67 -14.86
N ILE K 26 17.84 8.32 -15.82
CA ILE K 26 18.35 7.59 -16.99
C ILE K 26 19.58 6.78 -16.58
N PRO K 27 19.65 5.48 -16.89
CA PRO K 27 20.87 4.73 -16.56
C PRO K 27 22.07 5.30 -17.28
N ASN K 28 23.23 5.23 -16.60
CA ASN K 28 24.45 5.85 -17.07
C ASN K 28 25.55 4.79 -17.13
N GLY K 29 26.77 5.23 -17.45
CA GLY K 29 27.91 4.34 -17.36
C GLY K 29 28.25 3.98 -15.93
N THR K 30 27.87 4.84 -14.98
CA THR K 30 28.02 4.57 -13.56
C THR K 30 27.65 3.13 -13.25
N PHE K 31 26.56 2.66 -13.86
CA PHE K 31 26.10 1.29 -13.68
C PHE K 31 27.28 0.32 -13.69
N PHE K 32 27.99 0.25 -14.82
CA PHE K 32 29.09 -0.69 -14.94
C PHE K 32 30.06 -0.52 -13.77
N ALA K 33 30.48 0.71 -13.51
CA ALA K 33 31.42 0.94 -12.42
C ALA K 33 30.91 0.32 -11.13
N VAL K 34 29.67 0.64 -10.76
CA VAL K 34 29.12 0.10 -9.51
C VAL K 34 29.22 -1.41 -9.53
N LEU K 35 28.77 -2.02 -10.63
CA LEU K 35 28.83 -3.48 -10.73
C LEU K 35 30.21 -3.98 -10.38
N ILE K 36 31.24 -3.40 -11.00
CA ILE K 36 32.59 -3.87 -10.76
C ILE K 36 32.88 -3.84 -9.27
N ILE K 37 32.62 -2.71 -8.62
CA ILE K 37 32.91 -2.59 -7.21
C ILE K 37 32.18 -3.70 -6.44
N PHE K 38 30.88 -3.87 -6.72
CA PHE K 38 30.14 -4.91 -6.04
C PHE K 38 30.82 -6.25 -6.23
N LEU K 39 31.17 -6.58 -7.48
CA LEU K 39 31.82 -7.85 -7.74
C LEU K 39 33.03 -8.03 -6.84
N ILE K 40 33.87 -6.99 -6.75
CA ILE K 40 35.05 -7.10 -5.91
C ILE K 40 34.66 -7.46 -4.49
N VAL K 41 33.70 -6.72 -3.93
CA VAL K 41 33.24 -7.02 -2.57
C VAL K 41 32.78 -8.46 -2.49
N LEU K 42 31.98 -8.88 -3.47
CA LEU K 42 31.49 -10.26 -3.47
C LEU K 42 32.66 -11.22 -3.35
N GLY K 43 33.71 -11.02 -4.16
CA GLY K 43 34.85 -11.91 -4.08
C GLY K 43 35.42 -11.96 -2.68
N VAL K 44 35.63 -10.79 -2.08
CA VAL K 44 36.16 -10.74 -0.72
C VAL K 44 35.24 -11.52 0.22
N ILE K 45 33.92 -11.37 0.04
CA ILE K 45 32.99 -12.11 0.88
C ILE K 45 33.02 -13.59 0.53
N SER K 46 33.14 -13.91 -0.77
CA SER K 46 33.04 -15.30 -1.18
C SER K 46 34.22 -16.13 -0.69
N LYS K 47 35.40 -15.52 -0.56
CA LYS K 47 36.63 -16.25 -0.28
C LYS K 47 37.08 -16.10 1.17
N TRP K 48 36.98 -14.92 1.77
CA TRP K 48 37.60 -14.65 3.06
C TRP K 48 36.62 -14.35 4.17
N VAL K 49 35.31 -14.51 3.95
CA VAL K 49 34.33 -14.23 4.98
C VAL K 49 33.43 -15.43 5.22
N VAL K 50 32.80 -15.91 4.15
CA VAL K 50 31.77 -16.94 4.28
C VAL K 50 32.40 -18.31 4.51
N PRO K 51 33.48 -18.69 3.82
CA PRO K 51 34.07 -20.02 4.06
C PRO K 51 34.65 -20.13 5.46
N PRO K 52 35.43 -19.14 5.91
CA PRO K 52 35.91 -19.21 7.31
C PRO K 52 34.78 -19.25 8.33
N ILE K 53 33.72 -18.48 8.11
CA ILE K 53 32.63 -18.44 9.07
C ILE K 53 31.89 -19.77 9.09
N SER K 54 31.65 -20.36 7.91
CA SER K 54 31.01 -21.66 7.85
C SER K 54 31.88 -22.71 8.52
N LYS K 55 33.19 -22.64 8.33
CA LYS K 55 34.10 -23.57 9.01
C LYS K 55 34.02 -23.41 10.52
N VAL K 56 33.97 -22.16 10.99
CA VAL K 56 33.88 -21.92 12.43
C VAL K 56 32.59 -22.50 12.99
N LEU K 57 31.47 -22.26 12.29
CA LEU K 57 30.19 -22.78 12.76
C LEU K 57 30.18 -24.30 12.77
N ALA K 58 30.72 -24.92 11.71
CA ALA K 58 30.78 -26.37 11.66
C ALA K 58 31.64 -26.93 12.78
N GLU K 59 32.79 -26.29 13.05
CA GLU K 59 33.65 -26.75 14.13
C GLU K 59 32.97 -26.60 15.49
N ARG K 60 32.22 -25.51 15.69
CA ARG K 60 31.50 -25.34 16.94
C ARG K 60 30.43 -26.41 17.12
N GLU K 61 29.68 -26.70 16.06
CA GLU K 61 28.66 -27.73 16.15
C GLU K 61 29.29 -29.10 16.40
N ALA K 62 30.40 -29.38 15.74
CA ALA K 62 31.11 -30.64 15.98
C ALA K 62 31.61 -30.71 17.41
N MET K 63 32.08 -29.59 17.95
CA MET K 63 32.53 -29.56 19.34
C MET K 63 31.38 -29.85 20.29
N LEU K 64 30.21 -29.27 20.04
CA LEU K 64 29.05 -29.54 20.89
C LEU K 64 28.65 -31.01 20.82
N ALA K 65 28.61 -31.56 19.60
CA ALA K 65 28.26 -32.98 19.45
C ALA K 65 29.30 -33.86 20.15
N LYS K 66 30.58 -33.51 20.02
CA LYS K 66 31.62 -34.27 20.69
C LYS K 66 31.48 -34.19 22.20
N THR K 67 31.11 -33.02 22.73
CA THR K 67 30.90 -32.89 24.16
C THR K 67 29.76 -33.79 24.63
N ALA K 68 28.65 -33.79 23.90
CA ALA K 68 27.53 -34.64 24.27
C ALA K 68 27.92 -36.12 24.21
N ALA K 69 28.61 -36.52 23.14
CA ALA K 69 29.03 -37.90 22.99
C ALA K 69 30.01 -38.29 24.09
N ASP K 70 30.92 -37.38 24.45
CA ASP K 70 31.88 -37.67 25.50
C ASP K 70 31.20 -37.81 26.85
N ASN K 71 30.20 -36.98 27.13
CA ASN K 71 29.44 -37.14 28.37
C ASN K 71 28.75 -38.50 28.41
N ARG K 72 28.10 -38.88 27.31
CA ARG K 72 27.41 -40.17 27.27
C ARG K 72 28.40 -41.32 27.42
N LYS K 73 29.56 -41.21 26.77
CA LYS K 73 30.55 -42.27 26.83
C LYS K 73 31.19 -42.36 28.22
N SER K 74 31.39 -41.22 28.87
CA SER K 74 31.85 -41.24 30.26
C SER K 74 30.83 -41.96 31.14
N ALA K 75 29.55 -41.64 30.96
CA ALA K 75 28.51 -42.28 31.76
C ALA K 75 28.51 -43.80 31.54
N GLU K 76 28.53 -44.23 30.28
CA GLU K 76 28.46 -45.66 30.00
C GLU K 76 29.71 -46.37 30.47
N GLN K 77 30.88 -45.73 30.34
CA GLN K 77 32.11 -46.37 30.79
C GLN K 77 32.15 -46.50 32.30
N VAL K 78 31.66 -45.48 33.02
CA VAL K 78 31.57 -45.59 34.47
C VAL K 78 30.63 -46.72 34.85
N ALA K 79 29.48 -46.81 34.16
CA ALA K 79 28.53 -47.88 34.45
C ALA K 79 29.16 -49.25 34.20
N ALA K 80 29.89 -49.39 33.10
CA ALA K 80 30.52 -50.67 32.78
C ALA K 80 31.60 -51.02 33.79
N ALA K 81 32.39 -50.03 34.21
CA ALA K 81 33.42 -50.29 35.23
C ALA K 81 32.79 -50.72 36.54
N GLN K 82 31.68 -50.08 36.94
CA GLN K 82 30.98 -50.50 38.15
C GLN K 82 30.42 -51.91 37.99
N ALA K 83 29.88 -52.23 36.82
CA ALA K 83 29.25 -53.53 36.63
C ALA K 83 30.27 -54.64 36.53
N ASP K 84 31.35 -54.43 35.77
CA ASP K 84 32.35 -55.47 35.56
C ASP K 84 33.51 -55.31 36.53
N MET L 1 26.02 26.61 6.49
CA MET L 1 26.41 26.71 7.93
C MET L 1 25.22 26.41 8.83
N SER L 2 24.13 27.16 8.64
CA SER L 2 22.93 26.93 9.44
C SER L 2 22.41 25.51 9.22
N ILE L 3 22.37 25.06 7.96
CA ILE L 3 21.98 23.69 7.68
C ILE L 3 22.94 22.72 8.35
N PHE L 4 24.24 23.01 8.27
CA PHE L 4 25.24 22.15 8.90
C PHE L 4 25.05 22.10 10.41
N ILE L 5 24.80 23.26 11.04
CA ILE L 5 24.61 23.28 12.49
C ILE L 5 23.38 22.48 12.88
N GLY L 6 22.28 22.68 12.15
CA GLY L 6 21.05 21.97 12.48
C GLY L 6 21.22 20.47 12.35
N GLN L 7 21.82 20.02 11.24
CA GLN L 7 21.99 18.59 11.04
C GLN L 7 23.02 18.01 12.01
N LEU L 8 24.00 18.80 12.43
CA LEU L 8 24.94 18.31 13.45
C LEU L 8 24.25 18.13 14.80
N ILE L 9 23.38 19.07 15.18
CA ILE L 9 22.62 18.90 16.41
C ILE L 9 21.70 17.68 16.30
N GLY L 10 21.10 17.49 15.13
CA GLY L 10 20.28 16.31 14.93
C GLY L 10 21.08 15.02 15.06
N PHE L 11 22.30 15.01 14.52
CA PHE L 11 23.15 13.84 14.66
C PHE L 11 23.54 13.61 16.11
N ALA L 12 23.78 14.69 16.86
CA ALA L 12 24.05 14.54 18.29
C ALA L 12 22.88 13.89 19.00
N VAL L 13 21.66 14.31 18.67
CA VAL L 13 20.47 13.71 19.27
C VAL L 13 20.37 12.23 18.89
N ILE L 14 20.66 11.92 17.62
CA ILE L 14 20.60 10.54 17.16
C ILE L 14 21.59 9.68 17.94
N ALA L 15 22.82 10.18 18.09
CA ALA L 15 23.84 9.44 18.82
C ALA L 15 23.45 9.26 20.27
N PHE L 16 22.87 10.29 20.88
CA PHE L 16 22.40 10.15 22.26
C PHE L 16 21.36 9.05 22.36
N ILE L 17 20.39 9.05 21.45
CA ILE L 17 19.35 8.01 21.49
C ILE L 17 19.96 6.63 21.33
N ILE L 18 20.86 6.48 20.36
CA ILE L 18 21.46 5.18 20.09
C ILE L 18 22.25 4.70 21.30
N VAL L 19 23.05 5.58 21.90
CA VAL L 19 23.86 5.18 23.04
C VAL L 19 22.99 4.84 24.24
N LYS L 20 21.93 5.61 24.48
CA LYS L 20 21.15 5.43 25.69
C LYS L 20 20.22 4.22 25.61
N TRP L 21 19.61 3.98 24.45
CA TRP L 21 18.51 3.01 24.38
C TRP L 21 18.71 1.94 23.31
N VAL L 22 19.85 1.90 22.62
CA VAL L 22 20.14 0.88 21.61
C VAL L 22 21.42 0.14 21.92
N VAL L 23 22.48 0.86 22.28
CA VAL L 23 23.76 0.22 22.59
C VAL L 23 23.61 -0.77 23.74
N PRO L 24 22.91 -0.46 24.83
CA PRO L 24 22.86 -1.37 25.97
C PRO L 24 22.29 -2.73 25.59
N PRO L 25 21.10 -2.79 24.97
CA PRO L 25 20.54 -4.11 24.63
C PRO L 25 21.38 -4.90 23.65
N VAL L 26 21.94 -4.25 22.63
CA VAL L 26 22.73 -4.98 21.65
C VAL L 26 24.02 -5.47 22.27
N ARG L 27 24.63 -4.67 23.14
CA ARG L 27 25.82 -5.12 23.86
C ARG L 27 25.48 -6.27 24.81
N THR L 28 24.29 -6.23 25.42
CA THR L 28 23.87 -7.35 26.25
C THR L 28 23.73 -8.62 25.44
N LEU L 29 23.15 -8.52 24.24
CA LEU L 29 23.05 -9.69 23.37
C LEU L 29 24.42 -10.20 22.97
N MET L 30 25.33 -9.29 22.62
CA MET L 30 26.68 -9.70 22.24
C MET L 30 27.38 -10.40 23.40
N ARG L 31 27.25 -9.84 24.60
CA ARG L 31 27.87 -10.47 25.77
C ARG L 31 27.25 -11.83 26.06
N ASN L 32 25.93 -11.96 25.88
CA ASN L 32 25.28 -13.24 26.10
C ASN L 32 25.80 -14.28 25.12
N GLN L 33 25.95 -13.91 23.85
CA GLN L 33 26.47 -14.85 22.87
C GLN L 33 27.91 -15.23 23.18
N GLN L 34 28.73 -14.25 23.57
CA GLN L 34 30.11 -14.54 23.95
C GLN L 34 30.16 -15.49 25.14
N GLU L 35 29.32 -15.25 26.14
CA GLU L 35 29.28 -16.11 27.32
C GLU L 35 28.82 -17.51 26.94
N ALA L 36 27.85 -17.62 26.03
CA ALA L 36 27.40 -18.94 25.59
C ALA L 36 28.53 -19.71 24.92
N VAL L 37 29.28 -19.04 24.04
CA VAL L 37 30.39 -19.71 23.36
C VAL L 37 31.47 -20.11 24.36
N ARG L 38 31.80 -19.20 25.29
CA ARG L 38 32.81 -19.52 26.29
C ARG L 38 32.38 -20.70 27.16
N ALA L 39 31.11 -20.72 27.55
CA ALA L 39 30.59 -21.82 28.35
C ALA L 39 30.61 -23.13 27.56
N ALA L 40 30.32 -23.07 26.26
CA ALA L 40 30.40 -24.28 25.44
C ALA L 40 31.83 -24.81 25.39
N LEU L 41 32.79 -23.92 25.19
CA LEU L 41 34.19 -24.34 25.16
C LEU L 41 34.60 -24.95 26.49
N ALA L 42 34.24 -24.30 27.60
CA ALA L 42 34.54 -24.85 28.91
C ALA L 42 33.90 -26.23 29.05
N GLU L 43 32.59 -26.32 28.83
CA GLU L 43 31.89 -27.60 28.98
C GLU L 43 32.58 -28.69 28.19
N SER L 44 33.07 -28.36 26.99
CA SER L 44 33.87 -29.33 26.24
C SER L 44 35.13 -29.70 27.01
N ALA L 45 35.79 -28.73 27.63
CA ALA L 45 37.01 -29.01 28.37
C ALA L 45 36.76 -29.95 29.55
N GLU L 46 35.75 -29.63 30.38
CA GLU L 46 35.43 -30.53 31.48
C GLU L 46 34.91 -31.88 31.01
N ALA L 47 34.21 -31.93 29.87
CA ALA L 47 33.79 -33.23 29.34
C ALA L 47 34.99 -34.07 28.96
N ALA L 48 35.99 -33.47 28.31
CA ALA L 48 37.20 -34.21 27.96
C ALA L 48 37.93 -34.68 29.21
N LYS L 49 38.04 -33.82 30.22
CA LYS L 49 38.71 -34.23 31.45
C LYS L 49 37.95 -35.33 32.17
N LYS L 50 36.61 -35.26 32.16
CA LYS L 50 35.80 -36.30 32.77
C LYS L 50 35.97 -37.62 32.04
N LEU L 51 36.04 -37.58 30.70
CA LEU L 51 36.28 -38.82 29.96
C LEU L 51 37.66 -39.38 30.27
N ALA L 52 38.66 -38.51 30.42
CA ALA L 52 39.99 -38.99 30.79
C ALA L 52 39.95 -39.66 32.16
N ASP L 53 39.24 -39.05 33.12
CA ASP L 53 39.12 -39.65 34.45
C ASP L 53 38.40 -40.99 34.40
N ALA L 54 37.34 -41.08 33.59
CA ALA L 54 36.61 -42.33 33.46
C ALA L 54 37.49 -43.41 32.84
N ASP L 55 38.28 -43.04 31.83
CA ASP L 55 39.20 -44.00 31.24
C ASP L 55 40.24 -44.47 32.25
N ALA L 56 40.75 -43.55 33.07
CA ALA L 56 41.69 -43.95 34.11
C ALA L 56 41.03 -44.92 35.10
N MET L 57 39.79 -44.64 35.48
CA MET L 57 39.08 -45.53 36.38
C MET L 57 38.90 -46.91 35.77
N HIS L 58 38.50 -46.95 34.50
CA HIS L 58 38.32 -48.25 33.84
C HIS L 58 39.63 -49.02 33.76
N ALA L 59 40.72 -48.32 33.44
CA ALA L 59 42.02 -48.99 33.40
C ALA L 59 42.40 -49.53 34.77
N LYS L 60 42.14 -48.75 35.83
CA LYS L 60 42.44 -49.20 37.18
C LYS L 60 41.63 -50.45 37.53
N ALA L 61 40.34 -50.45 37.18
CA ALA L 61 39.47 -51.59 37.47
C ALA L 61 39.17 -52.37 36.20
BR BQ1 M . -13.43 -12.59 -20.17
O02 BQ1 M . -6.57 -9.56 -18.94
O03 BQ1 M . -5.85 -13.85 -17.46
N04 BQ1 M . -5.09 -9.35 -15.10
N05 BQ1 M . -7.95 -13.90 -17.84
C06 BQ1 M . -5.39 -10.30 -18.75
C07 BQ1 M . -5.55 -11.66 -19.43
C08 BQ1 M . -5.21 -10.51 -17.25
C09 BQ1 M . -4.15 -9.59 -19.32
C10 BQ1 M . -6.95 -12.23 -19.19
C11 BQ1 M . -4.99 -9.17 -16.54
C12 BQ1 M . -5.36 -11.54 -20.95
C13 BQ1 M . -2.78 -9.89 -19.36
C14 BQ1 M . -4.60 -8.40 -19.87
C15 BQ1 M . -8.15 -11.92 -19.72
C16 BQ1 M . -1.89 -9.02 -19.95
C17 BQ1 M . -6.85 -13.23 -18.24
C18 BQ1 M . -4.48 -12.52 -21.38
C19 BQ1 M . -5.91 -10.66 -21.86
C20 BQ1 M . -3.70 -7.51 -20.47
C21 BQ1 M . -2.30 -11.09 -18.80
C22 BQ1 M . -9.27 -12.60 -19.32
C23 BQ1 M . -2.34 -7.83 -20.51
C24 BQ1 M . -9.17 -13.60 -18.37
C25 BQ1 M . -4.93 -8.06 -14.45
C26 BQ1 M . -4.04 -10.24 -14.62
C27 BQ1 M . -0.52 -9.33 -19.99
C28 BQ1 M . -4.16 -12.62 -22.72
C29 BQ1 M . -5.58 -10.75 -23.20
C30 BQ1 M . -0.95 -11.40 -18.84
C31 BQ1 M . -4.71 -11.74 -23.63
C32 BQ1 M . -0.06 -10.52 -19.44
C33 BQ1 M . -10.52 -12.28 -19.87
C34 BQ1 M . -10.32 -14.30 -17.97
C35 BQ1 M . -11.66 -12.97 -19.47
C36 BQ1 M . -11.56 -13.98 -18.52
C37 BQ1 M . -5.18 -14.89 -18.12
H02 BQ1 M . -7.02 -9.57 -18.24
H371 BQ1 M . -5.01 -15.61 -17.49
H372 BQ1 M . -5.73 -15.22 -18.85
H373 BQ1 M . -4.34 -14.55 -18.47
H111 BQ1 M . -5.65 -8.54 -16.84
H112 BQ1 M . -4.10 -8.84 -16.75
H251 BQ1 M . -4.00 -7.84 -14.40
H252 BQ1 M . -5.31 -8.12 -13.56
H253 BQ1 M . -5.41 -7.38 -14.96
H261 BQ1 M . -3.96 -10.13 -13.66
H262 BQ1 M . -3.20 -10.00 -15.04
H263 BQ1 M . -4.26 -11.15 -14.82
H07 BQ1 M . -4.88 -12.28 -19.08
H081 BQ1 M . -4.45 -11.10 -17.10
H082 BQ1 M . -6.01 -10.94 -16.89
H14 BQ1 M . -5.50 -8.16 -19.86
H15 BQ1 M . -8.22 -11.25 -20.36
H18 BQ1 M . -4.11 -13.12 -20.76
H19 BQ1 M . -6.50 -10.00 -21.56
H21 BQ1 M . -2.90 -11.69 -18.41
H20 BQ1 M . -4.00 -6.71 -20.84
H23 BQ1 M . -1.75 -7.23 -20.91
H27 BQ1 M . 0.08 -8.75 -20.39
H28 BQ1 M . -3.57 -13.28 -23.01
H29 BQ1 M . -5.95 -10.16 -23.81
H30 BQ1 M . -0.65 -12.19 -18.47
H33 BQ1 M . -10.60 -11.61 -20.51
H34 BQ1 M . -10.26 -14.96 -17.33
H32 BQ1 M . 0.85 -10.73 -19.47
H31 BQ1 M . -4.49 -11.80 -24.54
H36 BQ1 M . -12.32 -14.43 -18.24
#